data_5OMV
#
_entry.id   5OMV
#
_cell.length_a   66.688
_cell.length_b   94.964
_cell.length_c   158.735
_cell.angle_alpha   90.00
_cell.angle_beta   90.00
_cell.angle_gamma   90.00
#
_symmetry.space_group_name_H-M   'P 21 21 21'
#
loop_
_entity.id
_entity.type
_entity.pdbx_description
1 polymer 'DNA polymerase'
2 polymer 'DNA template'
3 polymer 'DNA primer'
4 non-polymer 'MANGANESE (II) ION'
5 non-polymer GLYCEROL
6 non-polymer 'MAGNESIUM ION'
7 non-polymer 'TRIETHYLENE GLYCOL'
8 non-polymer "2'-DEOXYADENOSINE 5'-TRIPHOSPHATE"
9 water water
#
loop_
_entity_poly.entity_id
_entity_poly.type
_entity_poly.pdbx_seq_one_letter_code
_entity_poly.pdbx_strand_id
1 'polypeptide(L)'
;MILDTDYITENGKPVIRVFKKENGEFKIEYDRTFEPYFYALLKDDSAIEDVKKVTAKRHGTVVKVKRAEKVQKKFLGRPI
EVWKLYFNHPQDVPAIRDRIRAHPAVVDIYEYDIPFAKRYLIDKGLIPMEGDEELTMLAFAIATLYHEGEEFGTGPILMI
SYADGSEARVITWKKIDLPYVDVVSTEKEMIKRFLRVVREKDPDVLITYNGDNFDFAYLKKRCEELGIKFTLGRDGSEPK
IQRMGDRFAVEVKGRIHFDLYPVIRRTINLPTYTLEAVYEAVFGKPKEKVYAEEIAQAWESGEGLERVARYSMEDAKVTY
ELGREFFPMEAQLSRLIGQSLWDVSRSSTGNLVEWFLLRKAYKRNELAPNKPDERELARRRGGYAGGYVKEPERGLWDNI
VYLDFRSLYPSIIITHNVSPDTLNREGCKEYDVAPEVGHKFCKDFPGFIPSLLGDLLEERQKIKRKMKATVDPLEKKLLD
YRQRAIKILANSFYGYYGYAKARWYCKECAESVTAWGREYIEMVIRELEEKFGFKVLYADTDGLHATIPGADAETVKKKA
KEFLKYINPKLPGLLELEYEGFYVRGFFVTKKKYAVIDEEGKITTRGLEIVRRDWSEIAKETQARVLEAILKHGDVEEAV
RIVKEVTEKLSKYEVPPEKLVIHEQITRDLRDYKATGPHVAVAKRLAARGVKIRPGTVISYIVLKGSGRIGDRAIPADEF
DPTKHRYDAEYYIENQVLPAVERILKAFGYRKEDLRYQKTKQVGLGAWLKVKGKK
;
A
2 'polydeoxyribonucleotide' (DA)(DA)(DC)(DT)(DG)(DT)(DG)(DG)(DC)(DC)(DG)(DT)(DG)(DG)(DT)(DC) T
3 'polydeoxyribonucleotide' (DG)(DA)(DC)(DC)(DA)(DC)(DG)(DG)(DC)(DC)(DA)(DC) P
#
loop_
_chem_comp.id
_chem_comp.type
_chem_comp.name
_chem_comp.formula
DA DNA linking 2'-DEOXYADENOSINE-5'-MONOPHOSPHATE 'C10 H14 N5 O6 P'
DC DNA linking 2'-DEOXYCYTIDINE-5'-MONOPHOSPHATE 'C9 H14 N3 O7 P'
DG DNA linking 2'-DEOXYGUANOSINE-5'-MONOPHOSPHATE 'C10 H14 N5 O7 P'
DT DNA linking THYMIDINE-5'-MONOPHOSPHATE 'C10 H15 N2 O8 P'
DTP non-polymer '2'-DEOXYADENOSINE 5'-TRIPHOSPHATE' 'C10 H16 N5 O12 P3'
GOL non-polymer GLYCEROL 'C3 H8 O3'
MG non-polymer 'MAGNESIUM ION' 'Mg 2'
MN non-polymer 'MANGANESE (II) ION' 'Mn 2'
PGE non-polymer 'TRIETHYLENE GLYCOL' 'C6 H14 O4'
#
# COMPACT_ATOMS: atom_id res chain seq x y z
N MET A 1 22.63 -15.12 0.01
CA MET A 1 21.56 -14.14 -0.19
C MET A 1 21.86 -12.86 0.59
N ILE A 2 21.84 -11.71 -0.06
CA ILE A 2 22.03 -10.46 0.64
C ILE A 2 20.72 -10.08 1.32
N LEU A 3 20.81 -9.75 2.60
CA LEU A 3 19.65 -9.25 3.34
C LEU A 3 19.61 -7.72 3.35
N ASP A 4 20.71 -7.07 3.72
CA ASP A 4 20.70 -5.63 3.95
C ASP A 4 22.13 -5.12 3.87
N THR A 5 22.28 -3.80 3.74
CA THR A 5 23.57 -3.15 3.95
C THR A 5 23.41 -2.00 4.94
N ASP A 6 24.52 -1.63 5.55
CA ASP A 6 24.64 -0.33 6.21
C ASP A 6 26.10 0.06 6.18
N TYR A 7 26.46 1.10 6.92
CA TYR A 7 27.85 1.41 7.11
C TYR A 7 28.05 1.81 8.56
N ILE A 8 29.28 1.58 9.04
CA ILE A 8 29.75 2.06 10.32
C ILE A 8 30.95 2.96 10.04
N THR A 9 31.43 3.63 11.09
CA THR A 9 32.57 4.53 10.97
C THR A 9 33.67 4.03 11.88
N GLU A 10 34.85 3.80 11.30
CA GLU A 10 36.03 3.39 12.04
C GLU A 10 37.17 4.33 11.68
N ASN A 11 37.73 5.00 12.69
CA ASN A 11 38.82 5.95 12.47
C ASN A 11 38.47 6.96 11.39
N GLY A 12 37.28 7.55 11.52
CA GLY A 12 36.81 8.52 10.54
C GLY A 12 36.48 7.95 9.17
N LYS A 13 36.77 6.68 8.91
CA LYS A 13 36.47 6.22 7.55
C LYS A 13 35.22 5.34 7.56
N PRO A 14 34.41 5.41 6.50
CA PRO A 14 33.20 4.59 6.44
C PRO A 14 33.53 3.15 6.05
N VAL A 15 32.90 2.20 6.75
CA VAL A 15 33.03 0.79 6.41
C VAL A 15 31.64 0.25 6.12
N ILE A 16 31.46 -0.26 4.90
CA ILE A 16 30.18 -0.84 4.50
C ILE A 16 30.07 -2.24 5.06
N ARG A 17 28.87 -2.60 5.54
CA ARG A 17 28.58 -3.96 5.99
C ARG A 17 27.51 -4.57 5.10
N VAL A 18 27.79 -5.74 4.55
CA VAL A 18 26.80 -6.50 3.80
C VAL A 18 26.38 -7.68 4.67
N PHE A 19 25.10 -7.70 5.02
CA PHE A 19 24.55 -8.81 5.79
C PHE A 19 24.02 -9.86 4.82
N LYS A 20 24.49 -11.10 4.99
CA LYS A 20 24.22 -12.17 4.04
C LYS A 20 23.83 -13.44 4.79
N LYS A 21 23.08 -14.29 4.10
CA LYS A 21 22.85 -15.67 4.51
C LYS A 21 23.31 -16.55 3.37
N GLU A 22 24.28 -17.43 3.64
CA GLU A 22 24.80 -18.32 2.61
C GLU A 22 24.97 -19.73 3.17
N ASN A 23 24.45 -20.71 2.44
CA ASN A 23 24.51 -22.11 2.84
C ASN A 23 24.15 -22.28 4.30
N GLY A 24 23.08 -21.60 4.72
CA GLY A 24 22.63 -21.68 6.09
C GLY A 24 23.41 -20.88 7.10
N GLU A 25 24.44 -20.13 6.68
CA GLU A 25 25.29 -19.41 7.61
C GLU A 25 25.10 -17.90 7.45
N PHE A 26 24.92 -17.20 8.57
CA PHE A 26 24.91 -15.74 8.60
C PHE A 26 26.32 -15.19 8.48
N LYS A 27 26.51 -14.20 7.59
CA LYS A 27 27.81 -13.58 7.35
C LYS A 27 27.67 -12.07 7.32
N ILE A 28 28.67 -11.38 7.87
CA ILE A 28 28.83 -9.94 7.66
C ILE A 28 30.08 -9.75 6.83
N GLU A 29 29.93 -9.09 5.70
CA GLU A 29 31.05 -8.77 4.82
C GLU A 29 31.32 -7.28 4.95
N TYR A 30 32.58 -6.92 5.15
CA TYR A 30 33.00 -5.52 5.32
C TYR A 30 33.66 -5.04 4.04
N ASP A 31 33.34 -3.81 3.64
CA ASP A 31 33.95 -3.20 2.46
C ASP A 31 34.40 -1.79 2.85
N ARG A 32 35.71 -1.58 2.85
CA ARG A 32 36.32 -0.31 3.23
C ARG A 32 36.67 0.55 2.03
N THR A 33 36.57 0.01 0.81
CA THR A 33 37.03 0.64 -0.42
C THR A 33 36.03 1.61 -1.05
N PHE A 34 34.79 1.70 -0.56
CA PHE A 34 33.77 2.44 -1.29
C PHE A 34 33.76 3.91 -0.89
N GLU A 35 33.73 4.78 -1.89
CA GLU A 35 33.85 6.22 -1.64
C GLU A 35 32.55 6.95 -1.96
N PRO A 36 32.03 7.74 -1.03
CA PRO A 36 30.85 8.55 -1.36
C PRO A 36 31.19 9.63 -2.37
N TYR A 37 30.18 10.06 -3.12
CA TYR A 37 30.38 11.01 -4.21
C TYR A 37 29.06 11.69 -4.55
N PHE A 38 29.16 12.80 -5.28
CA PHE A 38 28.08 13.33 -6.11
C PHE A 38 28.70 14.02 -7.32
N TYR A 39 27.84 14.51 -8.22
CA TYR A 39 28.27 15.15 -9.47
C TYR A 39 27.97 16.65 -9.44
N ALA A 40 28.86 17.42 -10.08
CA ALA A 40 28.70 18.85 -10.29
C ALA A 40 28.78 19.11 -11.78
N LEU A 41 27.84 19.91 -12.29
CA LEU A 41 27.91 20.40 -13.67
C LEU A 41 28.47 21.82 -13.65
N LEU A 42 29.56 22.05 -14.38
CA LEU A 42 30.25 23.33 -14.34
C LEU A 42 29.94 24.18 -15.57
N LYS A 43 30.03 25.51 -15.41
CA LYS A 43 30.01 26.37 -16.59
C LYS A 43 31.15 26.03 -17.54
N ASP A 44 32.31 25.64 -16.99
CA ASP A 44 33.35 25.02 -17.80
C ASP A 44 34.41 24.45 -16.86
N ASP A 45 35.27 23.60 -17.43
CA ASP A 45 36.19 22.77 -16.64
C ASP A 45 37.33 23.56 -16.00
N SER A 46 37.71 24.72 -16.55
CA SER A 46 38.72 25.52 -15.86
C SER A 46 38.29 25.82 -14.44
N ALA A 47 36.98 25.87 -14.19
CA ALA A 47 36.47 26.17 -12.85
C ALA A 47 36.69 25.03 -11.86
N ILE A 48 36.98 23.82 -12.32
CA ILE A 48 37.17 22.73 -11.37
C ILE A 48 38.22 23.08 -10.33
N GLU A 49 39.20 23.89 -10.70
CA GLU A 49 40.26 24.16 -9.73
C GLU A 49 39.74 24.97 -8.55
N ASP A 50 38.85 25.93 -8.80
CA ASP A 50 38.27 26.65 -7.67
C ASP A 50 37.18 25.84 -6.95
N VAL A 51 36.42 25.02 -7.68
CA VAL A 51 35.37 24.23 -7.03
C VAL A 51 35.98 23.26 -6.02
N LYS A 52 37.11 22.65 -6.37
CA LYS A 52 37.83 21.76 -5.46
C LYS A 52 38.24 22.41 -4.14
N LYS A 53 38.22 23.74 -4.04
CA LYS A 53 38.67 24.42 -2.83
C LYS A 53 37.52 24.79 -1.89
N VAL A 54 36.28 24.60 -2.31
CA VAL A 54 35.15 24.75 -1.41
C VAL A 54 35.34 23.82 -0.22
N THR A 55 35.16 24.35 0.98
CA THR A 55 35.16 23.56 2.20
C THR A 55 33.89 23.83 2.96
N ALA A 56 33.66 22.99 3.97
CA ALA A 56 32.63 23.21 4.97
C ALA A 56 33.21 22.80 6.31
N LYS A 57 32.65 23.36 7.37
CA LYS A 57 33.09 23.02 8.71
C LYS A 57 31.93 22.30 9.41
N ARG A 58 32.18 21.06 9.80
CA ARG A 58 31.19 20.24 10.48
C ARG A 58 31.76 19.73 11.80
N HIS A 59 31.16 20.17 12.92
CA HIS A 59 31.57 19.73 14.25
C HIS A 59 33.06 19.95 14.43
N GLY A 60 33.52 21.13 14.02
CA GLY A 60 34.91 21.51 14.22
C GLY A 60 35.92 20.77 13.37
N THR A 61 35.49 20.06 12.33
CA THR A 61 36.43 19.46 11.39
C THR A 61 36.10 19.90 9.96
N VAL A 62 37.15 20.24 9.23
CA VAL A 62 37.04 20.80 7.89
C VAL A 62 36.71 19.68 6.90
N VAL A 63 35.66 19.87 6.13
CA VAL A 63 35.29 18.93 5.08
C VAL A 63 35.83 19.46 3.76
N LYS A 64 36.56 18.63 3.02
CA LYS A 64 37.13 19.01 1.74
C LYS A 64 36.71 18.03 0.66
N VAL A 65 36.73 18.52 -0.58
CA VAL A 65 36.60 17.64 -1.74
C VAL A 65 37.81 16.71 -1.77
N LYS A 66 37.56 15.39 -1.74
CA LYS A 66 38.67 14.45 -1.71
C LYS A 66 39.35 14.32 -3.07
N ARG A 67 38.57 14.30 -4.14
CA ARG A 67 39.10 14.05 -5.48
C ARG A 67 38.00 14.34 -6.48
N ALA A 68 38.34 15.02 -7.57
CA ALA A 68 37.39 15.30 -8.64
C ALA A 68 37.83 14.59 -9.91
N GLU A 69 36.85 14.11 -10.68
CA GLU A 69 37.09 13.28 -11.85
C GLU A 69 36.02 13.58 -12.88
N LYS A 70 36.43 14.03 -14.07
CA LYS A 70 35.48 14.39 -15.11
C LYS A 70 34.96 13.13 -15.79
N VAL A 71 33.65 13.05 -15.97
CA VAL A 71 33.02 11.83 -16.49
C VAL A 71 32.02 12.19 -17.57
N GLN A 72 31.84 11.28 -18.52
CA GLN A 72 30.80 11.43 -19.51
C GLN A 72 29.63 10.55 -19.14
N LYS A 73 28.45 11.16 -19.13
CA LYS A 73 27.23 10.44 -18.82
C LYS A 73 26.15 10.92 -19.78
N LYS A 74 24.98 10.33 -19.66
CA LYS A 74 23.82 10.78 -20.40
C LYS A 74 22.88 11.48 -19.42
N PHE A 75 22.14 12.46 -19.93
CA PHE A 75 21.08 13.09 -19.13
C PHE A 75 19.88 13.18 -20.04
N LEU A 76 18.81 12.46 -19.69
CA LEU A 76 17.67 12.27 -20.58
C LEU A 76 18.12 11.83 -21.98
N GLY A 77 19.06 10.87 -22.01
CA GLY A 77 19.55 10.32 -23.26
C GLY A 77 20.61 11.12 -23.97
N ARG A 78 20.88 12.37 -23.56
CA ARG A 78 21.82 13.24 -24.25
C ARG A 78 23.17 13.28 -23.54
N PRO A 79 24.26 13.25 -24.29
CA PRO A 79 25.60 13.37 -23.67
C PRO A 79 25.69 14.57 -22.76
N ILE A 80 26.39 14.39 -21.65
CA ILE A 80 26.65 15.47 -20.70
C ILE A 80 27.98 15.18 -20.04
N GLU A 81 28.70 16.25 -19.70
CA GLU A 81 29.99 16.16 -19.04
C GLU A 81 29.83 16.75 -17.64
N VAL A 82 30.08 15.95 -16.62
CA VAL A 82 29.98 16.41 -15.24
C VAL A 82 31.23 16.00 -14.50
N TRP A 83 31.44 16.63 -13.36
CA TRP A 83 32.59 16.32 -12.50
C TRP A 83 32.12 15.49 -11.31
N LYS A 84 32.72 14.32 -11.15
CA LYS A 84 32.41 13.44 -10.03
C LYS A 84 33.27 13.84 -8.85
N LEU A 85 32.63 14.29 -7.76
CA LEU A 85 33.30 14.78 -6.56
C LEU A 85 33.27 13.68 -5.52
N TYR A 86 34.45 13.16 -5.17
CA TYR A 86 34.57 12.15 -4.13
C TYR A 86 34.86 12.78 -2.77
N PHE A 87 34.46 12.07 -1.72
CA PHE A 87 34.59 12.55 -0.36
C PHE A 87 35.05 11.41 0.56
N ASN A 88 35.61 11.78 1.71
N ASN A 88 35.59 11.80 1.72
CA ASN A 88 36.10 10.73 2.58
CA ASN A 88 36.16 10.88 2.69
C ASN A 88 35.00 10.09 3.41
C ASN A 88 35.14 10.27 3.64
N HIS A 89 33.93 10.83 3.72
CA HIS A 89 32.91 10.30 4.60
C HIS A 89 31.54 10.67 4.08
N PRO A 90 30.53 9.79 4.22
CA PRO A 90 29.21 10.12 3.67
C PRO A 90 28.59 11.37 4.28
N GLN A 91 28.83 11.61 5.56
CA GLN A 91 28.38 12.86 6.20
C GLN A 91 28.95 14.10 5.53
N ASP A 92 30.06 13.97 4.79
CA ASP A 92 30.64 15.12 4.11
C ASP A 92 29.71 15.65 3.02
N VAL A 93 28.86 14.80 2.46
CA VAL A 93 28.09 15.20 1.30
C VAL A 93 27.01 16.20 1.73
N PRO A 94 26.18 15.91 2.72
CA PRO A 94 25.23 16.94 3.18
C PRO A 94 25.88 18.16 3.80
N ALA A 95 27.11 18.03 4.34
CA ALA A 95 27.79 19.18 4.92
C ALA A 95 28.25 20.15 3.86
N ILE A 96 28.61 19.63 2.68
CA ILE A 96 29.26 20.45 1.66
C ILE A 96 28.37 20.73 0.44
N ARG A 97 27.32 19.96 0.22
CA ARG A 97 26.65 20.01 -1.07
C ARG A 97 26.03 21.39 -1.33
N ASP A 98 25.49 22.05 -0.31
CA ASP A 98 24.89 23.36 -0.56
C ASP A 98 25.95 24.36 -0.99
N ARG A 99 27.14 24.26 -0.39
CA ARG A 99 28.20 25.21 -0.69
C ARG A 99 28.87 24.91 -2.03
N ILE A 100 28.95 23.65 -2.45
CA ILE A 100 29.36 23.36 -3.82
C ILE A 100 28.34 23.93 -4.80
N ARG A 101 27.05 23.82 -4.47
CA ARG A 101 26.03 24.25 -5.42
C ARG A 101 26.01 25.76 -5.54
N ALA A 102 26.27 26.48 -4.45
CA ALA A 102 26.27 27.93 -4.43
C ALA A 102 27.48 28.51 -5.16
N HIS A 103 28.49 27.70 -5.45
CA HIS A 103 29.63 28.21 -6.19
C HIS A 103 29.17 28.79 -7.54
N PRO A 104 29.68 29.96 -7.93
CA PRO A 104 29.17 30.63 -9.16
C PRO A 104 29.47 29.89 -10.44
N ALA A 105 30.47 29.01 -10.46
CA ALA A 105 30.77 28.26 -11.66
C ALA A 105 29.95 26.98 -11.77
N VAL A 106 29.21 26.62 -10.72
CA VAL A 106 28.51 25.34 -10.66
C VAL A 106 27.08 25.57 -11.09
N VAL A 107 26.74 25.00 -12.25
CA VAL A 107 25.39 25.12 -12.79
C VAL A 107 24.40 24.34 -11.93
N ASP A 108 24.76 23.11 -11.58
CA ASP A 108 23.95 22.32 -10.68
C ASP A 108 24.75 21.11 -10.22
N ILE A 109 24.21 20.45 -9.18
CA ILE A 109 24.78 19.22 -8.64
C ILE A 109 23.71 18.13 -8.70
N TYR A 110 24.16 16.87 -8.64
CA TYR A 110 23.28 15.74 -8.89
C TYR A 110 23.67 14.56 -8.01
N GLU A 111 22.68 13.71 -7.69
CA GLU A 111 22.87 12.48 -6.94
C GLU A 111 23.60 12.73 -5.61
N TYR A 112 23.07 13.72 -4.89
CA TYR A 112 23.65 14.19 -3.64
C TYR A 112 22.82 13.82 -2.42
N ASP A 113 21.71 13.10 -2.59
CA ASP A 113 20.87 12.75 -1.45
C ASP A 113 20.56 11.27 -1.44
N ILE A 114 21.51 10.45 -1.82
CA ILE A 114 21.28 9.01 -1.90
C ILE A 114 22.01 8.36 -0.72
N PRO A 115 21.30 7.75 0.23
CA PRO A 115 21.96 7.21 1.42
C PRO A 115 23.08 6.27 1.03
N PHE A 116 24.17 6.35 1.80
CA PHE A 116 25.41 5.69 1.41
C PHE A 116 25.24 4.19 1.22
N ALA A 117 24.56 3.52 2.16
CA ALA A 117 24.43 2.06 2.04
C ALA A 117 23.58 1.65 0.85
N LYS A 118 22.61 2.48 0.47
CA LYS A 118 21.84 2.14 -0.73
C LYS A 118 22.63 2.45 -2.00
N ARG A 119 23.41 3.53 -1.97
CA ARG A 119 24.34 3.82 -3.05
C ARG A 119 25.21 2.61 -3.35
N TYR A 120 25.70 1.95 -2.29
CA TYR A 120 26.56 0.77 -2.45
C TYR A 120 25.83 -0.37 -3.15
N LEU A 121 24.63 -0.71 -2.70
CA LEU A 121 23.83 -1.76 -3.33
C LEU A 121 23.66 -1.52 -4.82
N ILE A 122 23.32 -0.28 -5.19
CA ILE A 122 23.11 0.05 -6.60
C ILE A 122 24.42 -0.04 -7.38
N ASP A 123 25.47 0.60 -6.86
CA ASP A 123 26.67 0.76 -7.66
C ASP A 123 27.37 -0.58 -7.85
N LYS A 124 27.33 -1.44 -6.86
CA LYS A 124 27.94 -2.76 -6.97
C LYS A 124 27.01 -3.80 -7.60
N GLY A 125 25.83 -3.38 -8.05
CA GLY A 125 24.91 -4.28 -8.74
C GLY A 125 24.35 -5.39 -7.87
N LEU A 126 24.11 -5.11 -6.60
CA LEU A 126 23.74 -6.15 -5.64
C LEU A 126 22.23 -6.12 -5.45
N ILE A 127 21.61 -7.29 -5.52
CA ILE A 127 20.16 -7.42 -5.41
C ILE A 127 19.82 -8.23 -4.17
N PRO A 128 19.19 -7.65 -3.16
CA PRO A 128 18.85 -8.43 -1.97
C PRO A 128 17.79 -9.47 -2.31
N MET A 129 17.79 -10.56 -1.53
CA MET A 129 16.78 -11.61 -1.55
C MET A 129 16.86 -12.49 -2.79
N GLU A 130 18.00 -12.55 -3.45
CA GLU A 130 18.19 -13.44 -4.60
C GLU A 130 18.82 -14.74 -4.13
N GLY A 131 18.28 -15.86 -4.59
CA GLY A 131 18.83 -17.17 -4.32
C GLY A 131 17.81 -18.07 -3.63
N ASP A 132 18.18 -19.35 -3.58
CA ASP A 132 17.36 -20.37 -2.94
C ASP A 132 17.63 -20.50 -1.45
N GLU A 133 18.21 -19.48 -0.83
CA GLU A 133 18.50 -19.53 0.60
C GLU A 133 17.19 -19.59 1.38
N GLU A 134 17.09 -20.56 2.30
CA GLU A 134 15.92 -20.71 3.15
C GLU A 134 16.14 -19.98 4.47
N LEU A 135 15.28 -19.00 4.75
CA LEU A 135 15.40 -18.13 5.91
C LEU A 135 14.46 -18.57 7.01
N THR A 136 14.92 -18.47 8.25
CA THR A 136 14.11 -18.82 9.40
C THR A 136 13.35 -17.59 9.86
N MET A 137 12.15 -17.81 10.36
CA MET A 137 11.28 -16.72 10.77
C MET A 137 10.75 -16.99 12.18
N LEU A 138 10.49 -15.90 12.88
CA LEU A 138 9.93 -15.95 14.22
C LEU A 138 9.04 -14.73 14.41
N ALA A 139 7.78 -14.97 14.79
CA ALA A 139 6.82 -13.94 15.12
C ALA A 139 6.77 -13.73 16.63
N PHE A 140 6.42 -12.52 17.05
CA PHE A 140 6.16 -12.36 18.48
C PHE A 140 5.09 -11.29 18.68
N ALA A 141 4.54 -11.29 19.88
CA ALA A 141 3.47 -10.40 20.30
C ALA A 141 3.59 -10.21 21.79
N ILE A 142 3.00 -9.13 22.28
CA ILE A 142 2.99 -8.86 23.72
C ILE A 142 1.58 -8.57 24.17
N ALA A 143 1.33 -8.78 25.46
CA ALA A 143 0.11 -8.40 26.14
C ALA A 143 0.50 -7.53 27.33
N THR A 144 -0.17 -6.37 27.47
CA THR A 144 0.28 -5.40 28.47
C THR A 144 -0.83 -5.09 29.46
N LEU A 145 -0.43 -4.62 30.64
CA LEU A 145 -1.38 -4.22 31.68
C LEU A 145 -1.79 -2.78 31.36
N TYR A 146 -2.95 -2.63 30.74
CA TYR A 146 -3.44 -1.34 30.29
C TYR A 146 -4.53 -0.82 31.21
N HIS A 147 -4.45 0.47 31.52
CA HIS A 147 -5.57 1.21 32.10
C HIS A 147 -5.70 2.50 31.32
N GLU A 148 -6.95 2.92 31.06
CA GLU A 148 -7.18 4.01 30.13
C GLU A 148 -6.58 5.31 30.65
N GLY A 149 -5.74 5.94 29.83
CA GLY A 149 -5.26 7.27 30.12
C GLY A 149 -3.94 7.39 30.84
N GLU A 150 -3.22 6.29 31.02
CA GLU A 150 -1.86 6.36 31.55
C GLU A 150 -0.88 6.65 30.44
N GLU A 151 0.31 7.12 30.81
CA GLU A 151 1.34 7.32 29.80
C GLU A 151 1.81 5.98 29.24
N PHE A 152 2.13 6.00 27.95
CA PHE A 152 2.60 4.79 27.26
C PHE A 152 3.66 4.06 28.07
N GLY A 153 3.46 2.74 28.24
CA GLY A 153 4.46 1.90 28.84
C GLY A 153 4.55 1.95 30.35
N THR A 154 3.61 2.62 31.02
CA THR A 154 3.64 2.63 32.48
C THR A 154 3.28 1.26 33.04
N GLY A 155 2.41 0.51 32.37
CA GLY A 155 2.02 -0.80 32.85
C GLY A 155 3.03 -1.86 32.49
N PRO A 156 3.22 -2.83 33.38
CA PRO A 156 4.09 -3.97 33.05
C PRO A 156 3.59 -4.71 31.81
N ILE A 157 4.54 -5.24 31.03
CA ILE A 157 4.17 -6.30 30.11
C ILE A 157 3.75 -7.52 30.93
N LEU A 158 2.67 -8.18 30.49
CA LEU A 158 2.17 -9.36 31.18
C LEU A 158 2.61 -10.67 30.55
N MET A 159 2.78 -10.70 29.23
CA MET A 159 3.09 -11.91 28.48
C MET A 159 3.81 -11.53 27.22
N ILE A 160 4.71 -12.41 26.77
CA ILE A 160 5.33 -12.32 25.47
C ILE A 160 5.09 -13.65 24.78
N SER A 161 4.39 -13.63 23.66
CA SER A 161 4.16 -14.85 22.90
C SER A 161 5.05 -14.84 21.66
N TYR A 162 5.45 -16.02 21.23
CA TYR A 162 6.24 -16.17 20.02
C TYR A 162 5.84 -17.45 19.31
N ALA A 163 6.06 -17.48 18.01
CA ALA A 163 5.67 -18.65 17.24
C ALA A 163 6.52 -18.75 15.98
N ASP A 164 6.88 -19.97 15.63
CA ASP A 164 7.52 -20.25 14.35
C ASP A 164 6.82 -21.47 13.77
N GLY A 165 7.46 -22.14 12.81
CA GLY A 165 6.84 -23.30 12.21
C GLY A 165 6.59 -24.45 13.16
N SER A 166 7.34 -24.55 14.27
CA SER A 166 7.26 -25.74 15.11
C SER A 166 6.52 -25.55 16.42
N GLU A 167 6.45 -24.35 16.96
CA GLU A 167 5.82 -24.18 18.26
C GLU A 167 5.29 -22.76 18.40
N ALA A 168 4.44 -22.57 19.41
CA ALA A 168 3.93 -21.27 19.79
C ALA A 168 3.81 -21.27 21.31
N ARG A 169 4.53 -20.37 21.98
CA ARG A 169 4.59 -20.38 23.44
C ARG A 169 4.36 -18.97 23.99
N VAL A 170 3.92 -18.94 25.24
CA VAL A 170 3.67 -17.71 25.97
C VAL A 170 4.60 -17.71 27.17
N ILE A 171 5.39 -16.65 27.34
CA ILE A 171 6.18 -16.44 28.55
C ILE A 171 5.43 -15.45 29.41
N THR A 172 5.25 -15.78 30.68
CA THR A 172 4.58 -14.87 31.59
C THR A 172 5.16 -15.07 32.99
N TRP A 173 4.73 -14.22 33.93
CA TRP A 173 5.23 -14.26 35.29
C TRP A 173 4.09 -14.42 36.31
N LYS A 174 2.98 -15.05 35.90
CA LYS A 174 1.93 -15.42 36.83
C LYS A 174 1.42 -16.80 36.44
N LYS A 175 0.94 -17.55 37.42
CA LYS A 175 0.74 -18.98 37.19
C LYS A 175 -0.49 -19.20 36.32
N ILE A 176 -0.24 -19.67 35.09
CA ILE A 176 -1.28 -20.13 34.20
C ILE A 176 -0.96 -21.58 33.91
N ASP A 177 -1.91 -22.46 34.20
CA ASP A 177 -1.70 -23.89 34.00
C ASP A 177 -2.21 -24.25 32.61
N LEU A 178 -1.37 -23.95 31.62
CA LEU A 178 -1.54 -24.34 30.25
C LEU A 178 -0.22 -24.90 29.76
N PRO A 179 -0.24 -25.85 28.81
CA PRO A 179 1.01 -26.51 28.41
C PRO A 179 1.95 -25.62 27.61
N TYR A 180 1.46 -24.56 26.97
CA TYR A 180 2.32 -23.74 26.13
C TYR A 180 2.76 -22.46 26.83
N VAL A 181 2.43 -22.30 28.11
CA VAL A 181 2.88 -21.18 28.91
C VAL A 181 4.15 -21.56 29.66
N ASP A 182 5.15 -20.69 29.62
CA ASP A 182 6.32 -20.80 30.49
C ASP A 182 6.20 -19.73 31.56
N VAL A 183 6.07 -20.15 32.81
CA VAL A 183 5.94 -19.21 33.92
C VAL A 183 7.33 -18.94 34.48
N VAL A 184 7.70 -17.67 34.57
CA VAL A 184 8.96 -17.29 35.20
C VAL A 184 8.68 -16.35 36.35
N SER A 185 9.73 -15.89 37.03
CA SER A 185 9.56 -15.24 38.34
C SER A 185 9.09 -13.80 38.23
N THR A 186 9.52 -13.07 37.21
CA THR A 186 9.20 -11.64 37.15
C THR A 186 9.07 -11.19 35.71
N GLU A 187 8.58 -9.95 35.56
CA GLU A 187 8.54 -9.34 34.24
C GLU A 187 9.95 -9.22 33.66
N LYS A 188 10.92 -8.85 34.49
CA LYS A 188 12.31 -8.77 34.03
C LYS A 188 12.78 -10.12 33.49
N GLU A 189 12.55 -11.18 34.27
CA GLU A 189 12.91 -12.52 33.81
C GLU A 189 12.19 -12.89 32.52
N MET A 190 10.91 -12.54 32.40
CA MET A 190 10.19 -12.85 31.17
C MET A 190 10.87 -12.25 29.95
N ILE A 191 11.22 -10.97 30.02
CA ILE A 191 11.89 -10.33 28.89
C ILE A 191 13.23 -10.98 28.62
N LYS A 192 14.03 -11.19 29.68
CA LYS A 192 15.33 -11.81 29.48
C LYS A 192 15.20 -13.20 28.86
N ARG A 193 14.15 -13.94 29.21
CA ARG A 193 13.97 -15.23 28.56
C ARG A 193 13.57 -15.07 27.10
N PHE A 194 12.74 -14.06 26.81
CA PHE A 194 12.43 -13.82 25.40
C PHE A 194 13.69 -13.56 24.62
N LEU A 195 14.61 -12.76 25.19
CA LEU A 195 15.84 -12.42 24.49
C LEU A 195 16.67 -13.66 24.20
N ARG A 196 16.67 -14.62 25.12
CA ARG A 196 17.46 -15.83 24.91
C ARG A 196 16.81 -16.72 23.86
N VAL A 197 15.47 -16.78 23.85
CA VAL A 197 14.79 -17.54 22.81
C VAL A 197 15.20 -17.05 21.43
N VAL A 198 15.29 -15.73 21.25
CA VAL A 198 15.62 -15.16 19.95
C VAL A 198 17.11 -15.34 19.64
N ARG A 199 17.98 -15.14 20.63
CA ARG A 199 19.39 -15.43 20.44
C ARG A 199 19.59 -16.88 20.02
N GLU A 200 18.89 -17.81 20.67
CA GLU A 200 19.12 -19.24 20.44
C GLU A 200 18.45 -19.70 19.15
N LYS A 201 17.19 -19.32 18.92
CA LYS A 201 16.57 -19.59 17.64
C LYS A 201 17.24 -18.83 16.50
N ASP A 202 17.77 -17.64 16.76
CA ASP A 202 18.51 -16.85 15.79
C ASP A 202 17.76 -16.70 14.45
N PRO A 203 16.54 -16.21 14.46
CA PRO A 203 15.79 -16.07 13.21
C PRO A 203 16.40 -15.03 12.28
N ASP A 204 16.30 -15.30 10.98
CA ASP A 204 16.57 -14.25 10.00
C ASP A 204 15.47 -13.19 10.01
N VAL A 205 14.23 -13.58 10.23
CA VAL A 205 13.11 -12.65 10.13
C VAL A 205 12.39 -12.62 11.47
N LEU A 206 12.15 -11.43 11.98
CA LEU A 206 11.26 -11.21 13.11
C LEU A 206 9.97 -10.58 12.57
N ILE A 207 8.85 -11.26 12.82
CA ILE A 207 7.55 -10.85 12.32
C ILE A 207 6.76 -10.24 13.48
N THR A 208 6.20 -9.04 13.26
CA THR A 208 5.27 -8.43 14.20
C THR A 208 4.06 -7.95 13.42
N TYR A 209 3.01 -7.58 14.15
CA TYR A 209 1.87 -6.86 13.59
C TYR A 209 1.78 -5.52 14.32
N ASN A 210 2.24 -4.46 13.65
CA ASN A 210 2.43 -3.12 14.21
C ASN A 210 3.57 -3.06 15.22
N GLY A 211 4.59 -3.91 15.06
CA GLY A 211 5.76 -3.79 15.91
C GLY A 211 6.51 -2.47 15.74
N ASP A 212 6.40 -1.85 14.56
CA ASP A 212 7.06 -0.56 14.32
C ASP A 212 6.58 0.52 15.28
N ASN A 213 5.34 0.42 15.74
CA ASN A 213 4.74 1.51 16.50
C ASN A 213 4.33 1.13 17.91
N PHE A 214 4.25 -0.14 18.23
CA PHE A 214 3.82 -0.52 19.57
C PHE A 214 4.82 -1.45 20.26
N ASP A 215 4.93 -2.70 19.76
CA ASP A 215 5.60 -3.76 20.52
C ASP A 215 7.04 -3.41 20.89
N PHE A 216 7.87 -3.02 19.91
CA PHE A 216 9.27 -2.74 20.21
C PHE A 216 9.40 -1.54 21.15
N ALA A 217 8.59 -0.51 20.93
CA ALA A 217 8.68 0.67 21.79
C ALA A 217 8.28 0.33 23.22
N TYR A 218 7.23 -0.48 23.38
CA TYR A 218 6.86 -0.91 24.72
C TYR A 218 7.99 -1.69 25.37
N LEU A 219 8.54 -2.68 24.66
CA LEU A 219 9.64 -3.46 25.22
C LEU A 219 10.82 -2.57 25.59
N LYS A 220 11.17 -1.63 24.71
CA LYS A 220 12.27 -0.71 25.00
C LYS A 220 12.02 0.01 26.32
N LYS A 221 10.80 0.50 26.51
CA LYS A 221 10.51 1.27 27.71
C LYS A 221 10.62 0.39 28.95
N ARG A 222 10.07 -0.82 28.88
CA ARG A 222 10.17 -1.72 30.02
C ARG A 222 11.62 -2.11 30.31
N CYS A 223 12.39 -2.38 29.26
CA CYS A 223 13.81 -2.66 29.45
C CYS A 223 14.51 -1.51 30.17
N GLU A 224 14.13 -0.27 29.84
CA GLU A 224 14.73 0.85 30.56
C GLU A 224 14.26 0.87 32.01
N GLU A 225 12.99 0.56 32.25
CA GLU A 225 12.47 0.60 33.61
C GLU A 225 13.07 -0.50 34.48
N LEU A 226 13.40 -1.63 33.88
CA LEU A 226 13.84 -2.79 34.64
C LEU A 226 15.34 -2.97 34.62
N GLY A 227 16.05 -2.24 33.76
CA GLY A 227 17.50 -2.34 33.66
C GLY A 227 17.96 -3.52 32.84
N ILE A 228 17.46 -3.67 31.62
CA ILE A 228 17.80 -4.77 30.72
C ILE A 228 18.38 -4.20 29.45
N LYS A 229 19.49 -4.77 28.98
CA LYS A 229 19.98 -4.50 27.64
C LYS A 229 19.12 -5.26 26.64
N PHE A 230 18.58 -4.54 25.67
CA PHE A 230 17.58 -5.08 24.75
C PHE A 230 18.24 -5.66 23.50
N THR A 231 19.07 -6.68 23.72
CA THR A 231 19.92 -7.23 22.66
C THR A 231 19.08 -8.12 21.76
N LEU A 232 18.90 -7.73 20.50
CA LEU A 232 18.26 -8.58 19.49
C LEU A 232 19.10 -8.60 18.23
N GLY A 233 19.84 -7.52 17.99
CA GLY A 233 20.69 -7.46 16.81
C GLY A 233 21.64 -8.63 16.78
N ARG A 234 21.93 -9.11 15.58
CA ARG A 234 22.92 -10.17 15.45
C ARG A 234 24.31 -9.70 15.85
N ASP A 235 24.57 -8.40 15.83
CA ASP A 235 25.83 -7.80 16.22
C ASP A 235 25.80 -7.29 17.66
N GLY A 236 24.89 -7.79 18.49
CA GLY A 236 24.76 -7.34 19.86
C GLY A 236 23.95 -6.07 20.07
N SER A 237 23.57 -5.35 19.00
CA SER A 237 22.90 -4.07 19.13
C SER A 237 21.46 -4.20 19.65
N GLU A 238 20.95 -3.10 20.18
CA GLU A 238 19.55 -2.91 20.47
C GLU A 238 18.79 -2.56 19.20
N PRO A 239 17.47 -2.74 19.18
CA PRO A 239 16.70 -2.34 18.00
C PRO A 239 16.87 -0.85 17.76
N LYS A 240 16.92 -0.48 16.49
CA LYS A 240 17.16 0.91 16.10
C LYS A 240 15.83 1.50 15.68
N ILE A 241 15.38 2.52 16.41
CA ILE A 241 14.04 3.06 16.23
C ILE A 241 14.08 4.31 15.36
N GLN A 242 14.13 4.12 14.05
CA GLN A 242 14.21 5.20 13.07
C GLN A 242 12.85 5.83 12.83
N ARG A 243 12.86 7.12 12.50
CA ARG A 243 11.63 7.85 12.23
C ARG A 243 11.23 7.72 10.76
N MET A 244 9.92 7.66 10.54
CA MET A 244 9.34 7.68 9.19
C MET A 244 8.12 8.60 9.24
N GLY A 245 8.30 9.87 8.88
CA GLY A 245 7.20 10.80 8.92
C GLY A 245 6.60 10.89 10.31
N ASP A 246 5.32 10.56 10.42
CA ASP A 246 4.60 10.61 11.69
C ASP A 246 4.66 9.31 12.47
N ARG A 247 5.02 8.21 11.82
CA ARG A 247 5.18 6.92 12.46
C ARG A 247 6.64 6.65 12.73
N PHE A 248 6.93 5.47 13.25
CA PHE A 248 8.29 4.99 13.40
C PHE A 248 8.43 3.68 12.64
N ALA A 249 9.68 3.26 12.49
CA ALA A 249 10.03 1.95 11.97
C ALA A 249 11.19 1.45 12.80
N VAL A 250 11.24 0.15 13.06
CA VAL A 250 12.22 -0.43 13.97
C VAL A 250 13.08 -1.41 13.18
N GLU A 251 14.39 -1.22 13.24
CA GLU A 251 15.32 -2.09 12.56
C GLU A 251 15.97 -3.01 13.59
N VAL A 252 16.28 -4.23 13.18
CA VAL A 252 17.06 -5.15 14.00
C VAL A 252 18.25 -5.61 13.16
N LYS A 253 19.44 -5.11 13.50
CA LYS A 253 20.63 -5.33 12.68
C LYS A 253 20.87 -6.81 12.45
N GLY A 254 21.19 -7.17 11.21
CA GLY A 254 21.44 -8.54 10.86
C GLY A 254 20.20 -9.39 10.68
N ARG A 255 19.02 -8.87 11.00
CA ARG A 255 17.77 -9.57 10.76
C ARG A 255 16.83 -8.66 10.00
N ILE A 256 15.78 -9.26 9.45
CA ILE A 256 14.72 -8.50 8.80
C ILE A 256 13.56 -8.38 9.79
N HIS A 257 13.30 -7.18 10.28
CA HIS A 257 12.05 -6.96 11.01
C HIS A 257 10.93 -6.80 10.00
N PHE A 258 10.08 -7.82 9.88
CA PHE A 258 8.97 -7.81 8.95
C PHE A 258 7.72 -7.41 9.74
N ASP A 259 7.36 -6.12 9.69
CA ASP A 259 6.13 -5.65 10.30
C ASP A 259 5.01 -5.74 9.27
N LEU A 260 4.02 -6.58 9.56
CA LEU A 260 2.97 -6.90 8.60
C LEU A 260 2.04 -5.73 8.33
N TYR A 261 1.86 -4.83 9.31
CA TYR A 261 0.76 -3.89 9.20
C TYR A 261 0.84 -3.07 7.91
N PRO A 262 1.97 -2.39 7.63
CA PRO A 262 2.01 -1.58 6.40
C PRO A 262 1.70 -2.39 5.17
N VAL A 263 2.18 -3.63 5.09
CA VAL A 263 1.88 -4.45 3.94
C VAL A 263 0.40 -4.80 3.91
N ILE A 264 -0.17 -5.17 5.06
CA ILE A 264 -1.57 -5.54 5.06
C ILE A 264 -2.42 -4.32 4.71
N ARG A 265 -2.10 -3.19 5.33
CA ARG A 265 -2.87 -1.97 5.13
C ARG A 265 -2.96 -1.60 3.65
N ARG A 266 -1.90 -1.84 2.87
CA ARG A 266 -1.94 -1.43 1.47
C ARG A 266 -2.41 -2.53 0.53
N THR A 267 -2.53 -3.76 1.01
CA THR A 267 -2.93 -4.89 0.18
C THR A 267 -4.41 -5.20 0.27
N ILE A 268 -4.97 -5.15 1.47
CA ILE A 268 -6.34 -5.55 1.74
C ILE A 268 -7.13 -4.33 2.15
N ASN A 269 -8.38 -4.27 1.73
CA ASN A 269 -9.28 -3.17 2.05
C ASN A 269 -10.27 -3.64 3.09
N LEU A 270 -10.14 -3.12 4.32
CA LEU A 270 -11.00 -3.51 5.44
C LEU A 270 -11.46 -2.24 6.14
N PRO A 271 -12.61 -2.29 6.82
CA PRO A 271 -13.03 -1.12 7.58
C PRO A 271 -12.20 -0.88 8.84
N THR A 272 -11.67 -1.94 9.46
CA THR A 272 -10.72 -1.80 10.54
C THR A 272 -9.62 -2.83 10.35
N TYR A 273 -8.48 -2.60 10.98
CA TYR A 273 -7.31 -3.42 10.72
C TYR A 273 -6.80 -4.09 11.98
N THR A 274 -7.73 -4.49 12.85
CA THR A 274 -7.36 -5.37 13.95
C THR A 274 -6.77 -6.65 13.39
N LEU A 275 -5.86 -7.25 14.18
CA LEU A 275 -5.34 -8.57 13.84
C LEU A 275 -6.47 -9.58 13.60
N GLU A 276 -7.53 -9.50 14.40
CA GLU A 276 -8.67 -10.38 14.21
C GLU A 276 -9.28 -10.17 12.82
N ALA A 277 -9.52 -8.91 12.45
CA ALA A 277 -10.15 -8.65 11.15
C ALA A 277 -9.24 -9.08 10.01
N VAL A 278 -7.93 -8.93 10.17
CA VAL A 278 -7.00 -9.31 9.10
C VAL A 278 -6.94 -10.83 8.98
N TYR A 279 -6.78 -11.52 10.11
CA TYR A 279 -6.76 -12.98 10.08
C TYR A 279 -8.00 -13.51 9.37
N GLU A 280 -9.17 -13.02 9.80
CA GLU A 280 -10.42 -13.48 9.20
C GLU A 280 -10.47 -13.21 7.71
N ALA A 281 -10.00 -12.04 7.27
CA ALA A 281 -10.06 -11.70 5.84
C ALA A 281 -9.15 -12.59 5.00
N VAL A 282 -7.96 -12.90 5.50
CA VAL A 282 -7.00 -13.70 4.74
C VAL A 282 -7.37 -15.19 4.77
N PHE A 283 -7.62 -15.74 5.96
CA PHE A 283 -7.85 -17.17 6.11
C PHE A 283 -9.32 -17.55 6.20
N GLY A 284 -10.23 -16.59 6.21
CA GLY A 284 -11.65 -16.89 6.27
C GLY A 284 -12.10 -17.59 7.54
N LYS A 285 -11.46 -17.33 8.67
CA LYS A 285 -11.81 -18.00 9.92
C LYS A 285 -11.73 -17.00 11.06
N PRO A 286 -12.51 -17.21 12.13
CA PRO A 286 -12.57 -16.22 13.20
C PRO A 286 -11.40 -16.33 14.17
N LYS A 287 -11.08 -15.18 14.78
CA LYS A 287 -10.13 -15.11 15.87
C LYS A 287 -10.78 -14.34 17.02
N GLU A 288 -10.80 -14.95 18.19
CA GLU A 288 -11.40 -14.31 19.36
C GLU A 288 -10.58 -13.09 19.78
N LYS A 289 -11.27 -12.08 20.29
CA LYS A 289 -10.62 -10.90 20.84
C LYS A 289 -10.89 -10.83 22.34
N VAL A 290 -9.82 -10.75 23.11
CA VAL A 290 -9.89 -10.48 24.54
C VAL A 290 -9.40 -9.05 24.74
N TYR A 291 -10.17 -8.25 25.47
CA TYR A 291 -9.93 -6.82 25.53
C TYR A 291 -9.06 -6.45 26.73
N ALA A 292 -8.57 -5.20 26.69
CA ALA A 292 -7.65 -4.73 27.71
C ALA A 292 -8.25 -4.83 29.10
N GLU A 293 -9.51 -4.42 29.26
CA GLU A 293 -10.20 -4.61 30.53
C GLU A 293 -10.20 -6.08 30.93
N GLU A 294 -10.63 -6.95 30.03
CA GLU A 294 -10.63 -8.39 30.33
C GLU A 294 -9.25 -8.84 30.77
N ILE A 295 -8.20 -8.36 30.10
CA ILE A 295 -6.83 -8.70 30.49
C ILE A 295 -6.56 -8.22 31.90
N ALA A 296 -6.71 -6.91 32.12
CA ALA A 296 -6.43 -6.33 33.43
C ALA A 296 -7.30 -6.96 34.52
N GLN A 297 -8.58 -7.19 34.22
CA GLN A 297 -9.46 -7.85 35.19
C GLN A 297 -8.94 -9.23 35.56
N ALA A 298 -8.37 -9.95 34.60
CA ALA A 298 -7.84 -11.27 34.89
C ALA A 298 -6.57 -11.18 35.73
N TRP A 299 -5.67 -10.25 35.37
CA TRP A 299 -4.36 -10.20 36.01
C TRP A 299 -4.45 -9.84 37.49
N GLU A 300 -5.33 -8.91 37.83
CA GLU A 300 -5.36 -8.39 39.19
C GLU A 300 -6.20 -9.25 40.14
N SER A 301 -7.02 -10.16 39.59
CA SER A 301 -7.78 -11.10 40.39
C SER A 301 -7.21 -12.51 40.39
N GLY A 302 -6.36 -12.84 39.41
CA GLY A 302 -5.86 -14.19 39.21
C GLY A 302 -6.78 -15.12 38.45
N GLU A 303 -8.01 -14.70 38.16
CA GLU A 303 -9.02 -15.59 37.61
C GLU A 303 -9.13 -15.45 36.10
N GLY A 304 -9.37 -16.57 35.44
CA GLY A 304 -9.62 -16.56 34.01
C GLY A 304 -8.46 -16.04 33.18
N LEU A 305 -7.23 -16.28 33.62
CA LEU A 305 -6.07 -15.90 32.83
C LEU A 305 -5.78 -16.88 31.70
N GLU A 306 -6.40 -18.06 31.73
CA GLU A 306 -6.30 -18.98 30.62
C GLU A 306 -6.70 -18.31 29.32
N ARG A 307 -7.88 -17.67 29.30
CA ARG A 307 -8.34 -16.99 28.10
C ARG A 307 -7.32 -15.95 27.63
N VAL A 308 -6.63 -15.28 28.56
CA VAL A 308 -5.69 -14.24 28.16
C VAL A 308 -4.46 -14.87 27.52
N ALA A 309 -3.95 -15.95 28.13
CA ALA A 309 -2.86 -16.70 27.54
C ALA A 309 -3.24 -17.25 26.17
N ARG A 310 -4.43 -17.83 26.06
CA ARG A 310 -4.84 -18.34 24.76
C ARG A 310 -4.83 -17.21 23.74
N TYR A 311 -5.41 -16.06 24.09
CA TYR A 311 -5.42 -14.93 23.16
C TYR A 311 -4.01 -14.55 22.75
N SER A 312 -3.09 -14.47 23.71
CA SER A 312 -1.72 -14.08 23.40
C SER A 312 -1.04 -15.09 22.47
N MET A 313 -1.15 -16.38 22.81
CA MET A 313 -0.57 -17.43 21.96
C MET A 313 -1.09 -17.37 20.53
N GLU A 314 -2.41 -17.20 20.37
CA GLU A 314 -2.97 -17.05 19.03
C GLU A 314 -2.44 -15.81 18.32
N ASP A 315 -2.24 -14.70 19.05
CA ASP A 315 -1.68 -13.52 18.37
C ASP A 315 -0.39 -13.88 17.65
N ALA A 316 0.50 -14.57 18.36
CA ALA A 316 1.80 -14.88 17.80
C ALA A 316 1.68 -15.86 16.65
N LYS A 317 0.82 -16.87 16.81
CA LYS A 317 0.63 -17.91 15.81
C LYS A 317 0.03 -17.33 14.53
N VAL A 318 -0.99 -16.48 14.67
CA VAL A 318 -1.59 -15.82 13.52
C VAL A 318 -0.60 -14.84 12.89
N THR A 319 0.18 -14.15 13.72
CA THR A 319 1.18 -13.24 13.14
C THR A 319 2.20 -14.02 12.34
N TYR A 320 2.59 -15.19 12.84
CA TYR A 320 3.52 -16.02 12.10
C TYR A 320 2.91 -16.49 10.79
N GLU A 321 1.69 -17.02 10.84
CA GLU A 321 1.05 -17.51 9.63
C GLU A 321 0.84 -16.40 8.60
N LEU A 322 0.40 -15.22 9.06
CA LEU A 322 0.31 -14.09 8.14
C LEU A 322 1.68 -13.76 7.56
N GLY A 323 2.72 -13.80 8.41
CA GLY A 323 4.07 -13.52 7.93
C GLY A 323 4.51 -14.48 6.84
N ARG A 324 4.29 -15.78 7.06
CA ARG A 324 4.64 -16.78 6.06
C ARG A 324 3.91 -16.56 4.75
N GLU A 325 2.62 -16.21 4.81
CA GLU A 325 1.84 -16.08 3.58
C GLU A 325 2.38 -14.93 2.73
N PHE A 326 2.60 -13.76 3.34
CA PHE A 326 2.93 -12.53 2.63
C PHE A 326 4.41 -12.32 2.38
N PHE A 327 5.29 -13.08 3.03
CA PHE A 327 6.72 -12.84 2.84
C PHE A 327 7.15 -13.04 1.40
N PRO A 328 6.70 -14.09 0.69
CA PRO A 328 7.14 -14.26 -0.71
C PRO A 328 6.80 -13.07 -1.60
N MET A 329 5.65 -12.45 -1.39
CA MET A 329 5.32 -11.24 -2.16
C MET A 329 6.33 -10.13 -1.89
N GLU A 330 6.69 -9.92 -0.63
CA GLU A 330 7.64 -8.87 -0.30
C GLU A 330 9.04 -9.22 -0.77
N ALA A 331 9.45 -10.48 -0.65
CA ALA A 331 10.74 -10.88 -1.20
C ALA A 331 10.83 -10.58 -2.69
N GLN A 332 9.76 -10.86 -3.46
CA GLN A 332 9.81 -10.60 -4.89
C GLN A 332 9.93 -9.11 -5.17
N LEU A 333 9.11 -8.28 -4.51
CA LEU A 333 9.21 -6.84 -4.72
C LEU A 333 10.59 -6.36 -4.36
N SER A 334 11.18 -6.97 -3.32
CA SER A 334 12.53 -6.63 -2.91
C SER A 334 13.54 -6.88 -4.04
N ARG A 335 13.44 -8.03 -4.72
CA ARG A 335 14.32 -8.33 -5.84
C ARG A 335 14.02 -7.46 -7.05
N LEU A 336 12.74 -7.12 -7.28
CA LEU A 336 12.41 -6.28 -8.42
C LEU A 336 12.95 -4.85 -8.24
N ILE A 337 12.88 -4.31 -7.02
CA ILE A 337 13.29 -2.92 -6.78
C ILE A 337 14.79 -2.84 -6.52
N GLY A 338 15.38 -3.90 -5.99
CA GLY A 338 16.78 -3.87 -5.63
C GLY A 338 17.07 -3.15 -4.35
N GLN A 339 16.15 -3.18 -3.39
CA GLN A 339 16.39 -2.65 -2.07
C GLN A 339 15.91 -3.67 -1.04
N SER A 340 16.32 -3.47 0.20
CA SER A 340 16.07 -4.46 1.24
C SER A 340 14.58 -4.70 1.42
N LEU A 341 14.23 -5.92 1.84
CA LEU A 341 12.83 -6.20 2.18
C LEU A 341 12.36 -5.26 3.29
N TRP A 342 13.25 -4.93 4.24
CA TRP A 342 12.88 -3.99 5.30
C TRP A 342 12.41 -2.66 4.70
N ASP A 343 13.10 -2.16 3.67
CA ASP A 343 12.70 -0.90 3.03
C ASP A 343 11.45 -1.07 2.17
N VAL A 344 11.43 -2.09 1.29
CA VAL A 344 10.36 -2.11 0.28
C VAL A 344 9.01 -2.37 0.92
N SER A 345 8.97 -3.16 2.00
CA SER A 345 7.73 -3.50 2.69
C SER A 345 7.16 -2.31 3.42
N ARG A 346 7.98 -1.29 3.65
CA ARG A 346 7.52 -0.07 4.30
C ARG A 346 7.43 1.12 3.36
N SER A 347 7.90 0.98 2.12
CA SER A 347 8.01 2.13 1.24
C SER A 347 6.69 2.46 0.57
N SER A 348 6.48 3.75 0.31
CA SER A 348 5.43 4.16 -0.60
C SER A 348 5.74 3.66 -2.01
N THR A 349 4.70 3.49 -2.81
CA THR A 349 4.93 3.03 -4.18
C THR A 349 5.71 4.05 -4.99
N GLY A 350 5.58 5.34 -4.65
CA GLY A 350 6.39 6.35 -5.32
C GLY A 350 7.88 6.13 -5.11
N ASN A 351 8.30 5.94 -3.85
CA ASN A 351 9.72 5.70 -3.60
C ASN A 351 10.19 4.42 -4.26
N LEU A 352 9.33 3.40 -4.36
CA LEU A 352 9.77 2.17 -5.00
C LEU A 352 10.12 2.42 -6.46
N VAL A 353 9.23 3.10 -7.18
CA VAL A 353 9.51 3.45 -8.57
C VAL A 353 10.81 4.22 -8.67
N GLU A 354 11.01 5.19 -7.78
CA GLU A 354 12.22 6.00 -7.83
C GLU A 354 13.46 5.15 -7.59
N TRP A 355 13.40 4.23 -6.62
CA TRP A 355 14.59 3.42 -6.32
C TRP A 355 14.91 2.48 -7.47
N PHE A 356 13.89 1.87 -8.06
CA PHE A 356 14.05 1.08 -9.28
C PHE A 356 14.73 1.90 -10.39
N LEU A 357 14.25 3.12 -10.62
CA LEU A 357 14.82 3.94 -11.69
C LEU A 357 16.27 4.31 -11.41
N LEU A 358 16.59 4.64 -10.15
CA LEU A 358 17.95 5.00 -9.81
C LEU A 358 18.90 3.86 -10.11
N ARG A 359 18.50 2.64 -9.80
CA ARG A 359 19.34 1.48 -10.09
C ARG A 359 19.50 1.31 -11.59
N LYS A 360 18.39 1.37 -12.34
CA LYS A 360 18.51 1.13 -13.77
C LYS A 360 19.32 2.23 -14.44
N ALA A 361 19.19 3.46 -13.96
CA ALA A 361 19.94 4.57 -14.53
C ALA A 361 21.43 4.37 -14.35
N TYR A 362 21.86 3.84 -13.20
CA TYR A 362 23.28 3.53 -12.99
C TYR A 362 23.80 2.58 -14.05
N LYS A 363 23.06 1.49 -14.31
CA LYS A 363 23.50 0.50 -15.30
C LYS A 363 23.59 1.10 -16.70
N ARG A 364 22.80 2.14 -16.98
CA ARG A 364 22.78 2.80 -18.28
C ARG A 364 23.65 4.05 -18.35
N ASN A 365 24.35 4.40 -17.28
CA ASN A 365 25.11 5.66 -17.25
C ASN A 365 24.22 6.87 -17.47
N GLU A 366 22.96 6.79 -17.03
CA GLU A 366 22.05 7.93 -17.07
C GLU A 366 22.14 8.67 -15.74
N LEU A 367 22.64 9.90 -15.79
CA LEU A 367 22.60 10.79 -14.64
C LEU A 367 21.17 11.05 -14.21
N ALA A 368 20.91 11.00 -12.90
CA ALA A 368 19.52 11.15 -12.48
C ALA A 368 19.17 12.62 -12.30
N PRO A 369 17.99 13.04 -12.75
CA PRO A 369 17.52 14.38 -12.41
C PRO A 369 17.30 14.47 -10.91
N ASN A 370 17.25 15.70 -10.40
CA ASN A 370 17.08 15.90 -8.98
C ASN A 370 15.61 15.95 -8.62
N LYS A 371 15.33 15.62 -7.36
CA LYS A 371 14.05 16.00 -6.79
C LYS A 371 13.89 17.52 -6.92
N PRO A 372 12.68 18.01 -7.16
CA PRO A 372 12.52 19.44 -7.43
C PRO A 372 12.60 20.28 -6.18
N ASP A 373 13.05 21.52 -6.34
CA ASP A 373 13.03 22.44 -5.22
C ASP A 373 11.63 23.06 -5.11
N GLU A 374 11.45 23.95 -4.13
CA GLU A 374 10.10 24.48 -3.91
C GLU A 374 9.59 25.28 -5.11
N ARG A 375 10.49 25.91 -5.86
CA ARG A 375 10.07 26.66 -7.03
C ARG A 375 9.59 25.73 -8.14
N GLU A 376 10.34 24.65 -8.40
CA GLU A 376 9.92 23.69 -9.40
C GLU A 376 8.64 22.98 -8.97
N LEU A 377 8.53 22.61 -7.69
CA LEU A 377 7.26 22.07 -7.21
C LEU A 377 6.11 23.01 -7.58
N ALA A 378 6.31 24.31 -7.35
CA ALA A 378 5.25 25.27 -7.61
C ALA A 378 4.83 25.25 -9.07
N ARG A 379 5.79 25.13 -9.99
CA ARG A 379 5.42 25.17 -11.40
C ARG A 379 4.92 23.83 -11.91
N ARG A 380 4.79 22.82 -11.06
CA ARG A 380 4.28 21.53 -11.46
C ARG A 380 2.84 21.31 -11.01
N ARG A 381 2.19 22.36 -10.47
CA ARG A 381 0.92 22.21 -9.78
C ARG A 381 -0.28 21.96 -10.69
N GLY A 382 -0.21 22.36 -11.96
CA GLY A 382 -1.34 22.08 -12.85
C GLY A 382 -1.64 20.60 -12.96
N GLY A 383 -2.92 20.28 -13.12
CA GLY A 383 -3.35 18.93 -13.39
C GLY A 383 -3.47 18.66 -14.87
N TYR A 384 -4.14 17.57 -15.21
CA TYR A 384 -4.30 17.18 -16.60
C TYR A 384 -5.43 16.15 -16.68
N ALA A 385 -5.85 15.88 -17.91
CA ALA A 385 -7.07 15.12 -18.15
C ALA A 385 -6.79 13.63 -18.00
N GLY A 386 -7.73 12.91 -17.38
CA GLY A 386 -7.51 11.48 -17.16
C GLY A 386 -8.34 10.59 -18.05
N GLY A 387 -8.98 9.57 -17.47
CA GLY A 387 -9.66 8.58 -18.27
C GLY A 387 -11.08 8.97 -18.62
N TYR A 388 -11.61 8.38 -19.70
CA TYR A 388 -13.00 8.61 -20.10
C TYR A 388 -13.91 7.66 -19.33
N VAL A 389 -14.95 8.21 -18.68
CA VAL A 389 -15.96 7.42 -17.99
C VAL A 389 -17.33 7.70 -18.63
N LYS A 390 -17.94 6.67 -19.21
CA LYS A 390 -19.24 6.81 -19.84
C LYS A 390 -20.34 6.77 -18.77
N GLU A 391 -21.28 7.71 -18.85
CA GLU A 391 -22.47 7.62 -18.03
C GLU A 391 -23.19 6.32 -18.37
N PRO A 392 -23.48 5.46 -17.39
CA PRO A 392 -24.10 4.17 -17.69
C PRO A 392 -25.53 4.29 -18.19
N GLU A 393 -25.92 3.31 -18.99
CA GLU A 393 -27.34 3.10 -19.27
C GLU A 393 -28.07 2.68 -18.01
N ARG A 394 -29.24 3.28 -17.77
CA ARG A 394 -30.08 2.92 -16.64
C ARG A 394 -30.65 1.52 -16.79
N GLY A 395 -30.88 0.88 -15.66
CA GLY A 395 -31.80 -0.25 -15.62
C GLY A 395 -31.11 -1.61 -15.51
N LEU A 396 -31.93 -2.64 -15.61
CA LEU A 396 -31.50 -4.02 -15.41
C LEU A 396 -31.30 -4.68 -16.77
N TRP A 397 -30.06 -5.06 -17.09
CA TRP A 397 -29.76 -5.66 -18.39
C TRP A 397 -29.31 -7.11 -18.24
N ASP A 398 -29.63 -7.93 -19.26
CA ASP A 398 -29.19 -9.31 -19.37
C ASP A 398 -27.99 -9.44 -20.29
N ASN A 399 -27.26 -10.55 -20.15
CA ASN A 399 -26.25 -11.00 -21.11
C ASN A 399 -25.21 -9.91 -21.39
N ILE A 400 -24.48 -9.55 -20.34
CA ILE A 400 -23.49 -8.47 -20.38
C ILE A 400 -22.09 -9.08 -20.52
N VAL A 401 -21.38 -8.68 -21.56
CA VAL A 401 -19.97 -9.03 -21.72
C VAL A 401 -19.11 -7.86 -21.25
N TYR A 402 -17.98 -8.19 -20.62
CA TYR A 402 -17.05 -7.20 -20.07
C TYR A 402 -15.72 -7.34 -20.80
N LEU A 403 -15.31 -6.29 -21.49
CA LEU A 403 -14.06 -6.27 -22.24
C LEU A 403 -13.15 -5.21 -21.65
N ASP A 404 -11.84 -5.48 -21.62
CA ASP A 404 -10.92 -4.68 -20.83
C ASP A 404 -9.50 -4.81 -21.38
N PHE A 405 -8.81 -3.68 -21.55
CA PHE A 405 -7.48 -3.69 -22.12
C PHE A 405 -6.44 -4.25 -21.13
N ARG A 406 -5.53 -5.06 -21.64
CA ARG A 406 -4.45 -5.58 -20.80
C ARG A 406 -3.44 -4.48 -20.49
N SER A 407 -3.13 -4.29 -19.21
CA SER A 407 -2.06 -3.38 -18.80
C SER A 407 -2.04 -2.13 -19.68
N LEU A 408 -3.15 -1.39 -19.69
CA LEU A 408 -3.31 -0.37 -20.74
C LEU A 408 -2.22 0.71 -20.71
N TYR A 409 -2.16 1.51 -19.65
CA TYR A 409 -1.20 2.63 -19.68
C TYR A 409 0.23 2.15 -19.86
N PRO A 410 0.70 1.13 -19.15
CA PRO A 410 2.03 0.59 -19.45
C PRO A 410 2.21 0.15 -20.88
N SER A 411 1.15 -0.41 -21.48
CA SER A 411 1.22 -0.81 -22.87
C SER A 411 1.33 0.41 -23.78
N ILE A 412 0.59 1.47 -23.45
CA ILE A 412 0.73 2.68 -24.24
C ILE A 412 2.16 3.20 -24.14
N ILE A 413 2.72 3.18 -22.93
CA ILE A 413 4.06 3.76 -22.70
C ILE A 413 5.11 3.04 -23.53
N ILE A 414 5.05 1.70 -23.58
CA ILE A 414 5.98 0.91 -24.36
C ILE A 414 5.70 1.03 -25.84
N THR A 415 4.43 0.97 -26.23
CA THR A 415 4.12 0.94 -27.66
C THR A 415 4.45 2.27 -28.32
N HIS A 416 4.19 3.38 -27.63
CA HIS A 416 4.42 4.69 -28.22
C HIS A 416 5.69 5.36 -27.70
N ASN A 417 6.49 4.63 -26.92
CA ASN A 417 7.82 5.08 -26.51
C ASN A 417 7.72 6.39 -25.73
N VAL A 418 6.79 6.44 -24.78
CA VAL A 418 6.47 7.66 -24.05
C VAL A 418 7.44 7.80 -22.88
N SER A 419 8.35 8.78 -22.96
CA SER A 419 9.44 8.95 -22.01
C SER A 419 9.97 10.38 -22.09
N PRO A 420 10.55 10.92 -21.01
CA PRO A 420 11.12 12.27 -21.11
C PRO A 420 12.28 12.36 -22.07
N ASP A 421 13.05 11.29 -22.22
CA ASP A 421 14.20 11.33 -23.12
C ASP A 421 13.80 11.17 -24.58
N THR A 422 12.54 10.87 -24.87
CA THR A 422 12.06 10.80 -26.25
C THR A 422 11.13 11.96 -26.61
N LEU A 423 10.64 12.69 -25.62
CA LEU A 423 9.68 13.76 -25.88
C LEU A 423 10.34 14.83 -26.75
N ASN A 424 9.72 15.12 -27.89
CA ASN A 424 10.18 16.16 -28.80
C ASN A 424 11.70 16.11 -28.98
N ARG A 425 12.27 14.91 -29.09
CA ARG A 425 13.68 14.81 -29.41
C ARG A 425 13.87 15.14 -30.89
N GLU A 426 14.76 16.09 -31.19
CA GLU A 426 14.76 16.71 -32.50
C GLU A 426 15.55 15.90 -33.53
N GLY A 427 15.25 16.14 -34.80
CA GLY A 427 15.85 15.43 -35.92
C GLY A 427 15.76 13.93 -35.79
N CYS A 428 14.57 13.36 -35.99
CA CYS A 428 14.36 11.93 -35.81
C CYS A 428 13.62 11.34 -37.01
N LYS A 429 13.85 10.04 -37.21
CA LYS A 429 13.27 9.35 -38.35
C LYS A 429 11.77 9.14 -38.17
N GLU A 430 11.35 8.70 -36.98
CA GLU A 430 9.96 8.32 -36.79
C GLU A 430 9.44 8.84 -35.47
N TYR A 431 8.20 9.31 -35.47
CA TYR A 431 7.52 9.88 -34.32
C TYR A 431 6.14 9.28 -34.17
N ASP A 432 5.74 9.04 -32.92
CA ASP A 432 4.35 8.86 -32.55
C ASP A 432 3.85 10.16 -31.94
N VAL A 433 2.69 10.61 -32.41
CA VAL A 433 2.12 11.89 -32.04
C VAL A 433 0.90 11.63 -31.19
N ALA A 434 0.93 12.10 -29.95
CA ALA A 434 -0.19 11.87 -29.05
C ALA A 434 -1.43 12.61 -29.57
N PRO A 435 -2.59 11.99 -29.51
CA PRO A 435 -3.81 12.67 -29.94
C PRO A 435 -4.17 13.76 -28.95
N GLU A 436 -4.82 14.82 -29.46
CA GLU A 436 -5.40 15.86 -28.62
C GLU A 436 -4.32 16.80 -28.06
N VAL A 437 -3.31 16.23 -27.39
CA VAL A 437 -2.27 17.02 -26.74
C VAL A 437 -1.05 17.27 -27.64
N GLY A 438 -0.86 16.49 -28.70
CA GLY A 438 0.14 16.79 -29.72
C GLY A 438 1.58 16.41 -29.42
N HIS A 439 1.91 15.97 -28.22
CA HIS A 439 3.32 15.69 -27.92
C HIS A 439 3.86 14.60 -28.84
N LYS A 440 5.08 14.81 -29.31
CA LYS A 440 5.74 13.93 -30.25
C LYS A 440 6.76 13.09 -29.49
N PHE A 441 6.75 11.79 -29.73
CA PHE A 441 7.71 10.90 -29.09
C PHE A 441 8.53 10.20 -30.17
N CYS A 442 9.85 10.40 -30.11
CA CYS A 442 10.77 9.75 -31.02
C CYS A 442 10.71 8.23 -30.86
N LYS A 443 10.70 7.52 -32.00
CA LYS A 443 10.68 6.06 -32.03
C LYS A 443 12.02 5.47 -32.49
N ASP A 444 13.04 6.30 -32.70
CA ASP A 444 14.29 5.78 -33.25
C ASP A 444 15.04 4.92 -32.25
N PHE A 445 14.94 5.21 -30.96
CA PHE A 445 15.63 4.44 -29.92
C PHE A 445 14.68 4.21 -28.76
N PRO A 446 14.88 3.14 -27.99
CA PRO A 446 13.95 2.85 -26.89
C PRO A 446 14.11 3.87 -25.78
N GLY A 447 13.00 4.42 -25.32
CA GLY A 447 13.04 5.32 -24.20
C GLY A 447 13.38 4.60 -22.90
N PHE A 448 13.90 5.39 -21.95
CA PHE A 448 14.39 4.84 -20.69
C PHE A 448 13.32 4.00 -19.99
N ILE A 449 12.21 4.62 -19.62
CA ILE A 449 11.18 3.89 -18.90
C ILE A 449 10.47 2.90 -19.83
N PRO A 450 10.15 3.26 -21.08
CA PRO A 450 9.58 2.24 -21.97
C PRO A 450 10.39 0.96 -22.02
N SER A 451 11.72 1.07 -22.05
CA SER A 451 12.58 -0.10 -22.11
C SER A 451 12.52 -0.96 -20.85
N LEU A 452 12.03 -0.41 -19.73
CA LEU A 452 12.01 -1.14 -18.47
C LEU A 452 10.65 -1.76 -18.14
N LEU A 453 9.56 -1.24 -18.69
CA LEU A 453 8.24 -1.67 -18.24
C LEU A 453 7.89 -3.08 -18.68
N GLY A 454 8.37 -3.52 -19.85
CA GLY A 454 8.00 -4.83 -20.37
C GLY A 454 8.23 -5.94 -19.37
N ASP A 455 9.46 -6.02 -18.83
CA ASP A 455 9.77 -7.08 -17.87
C ASP A 455 8.77 -7.10 -16.72
N LEU A 456 8.35 -5.91 -16.26
CA LEU A 456 7.35 -5.86 -15.20
C LEU A 456 6.07 -6.56 -15.63
N LEU A 457 5.61 -6.26 -16.86
CA LEU A 457 4.40 -6.90 -17.36
C LEU A 457 4.59 -8.40 -17.47
N GLU A 458 5.71 -8.85 -18.03
CA GLU A 458 5.94 -10.28 -18.10
C GLU A 458 5.97 -10.88 -16.70
N GLU A 459 6.60 -10.20 -15.73
CA GLU A 459 6.59 -10.75 -14.38
C GLU A 459 5.17 -10.92 -13.86
N ARG A 460 4.31 -9.92 -14.10
CA ARG A 460 2.92 -10.05 -13.69
C ARG A 460 2.23 -11.21 -14.40
N GLN A 461 2.40 -11.31 -15.71
CA GLN A 461 1.70 -12.39 -16.42
C GLN A 461 2.16 -13.76 -15.93
N LYS A 462 3.44 -13.91 -15.62
CA LYS A 462 3.92 -15.17 -15.07
C LYS A 462 3.20 -15.51 -13.77
N ILE A 463 3.04 -14.54 -12.87
CA ILE A 463 2.29 -14.79 -11.66
C ILE A 463 0.83 -15.12 -11.98
N LYS A 464 0.22 -14.39 -12.91
CA LYS A 464 -1.20 -14.61 -13.20
C LYS A 464 -1.46 -16.02 -13.72
N ARG A 465 -0.59 -16.54 -14.58
CA ARG A 465 -0.72 -17.91 -15.02
C ARG A 465 -0.70 -18.86 -13.83
N LYS A 466 0.30 -18.72 -12.96
CA LYS A 466 0.35 -19.57 -11.77
C LYS A 466 -0.92 -19.44 -10.95
N MET A 467 -1.45 -18.22 -10.83
CA MET A 467 -2.68 -18.03 -10.07
C MET A 467 -3.83 -18.85 -10.66
N LYS A 468 -4.24 -18.53 -11.90
CA LYS A 468 -5.42 -19.16 -12.49
C LYS A 468 -5.32 -20.68 -12.51
N ALA A 469 -4.12 -21.22 -12.45
CA ALA A 469 -3.91 -22.66 -12.39
C ALA A 469 -3.85 -23.20 -10.98
N THR A 470 -3.73 -22.35 -9.96
CA THR A 470 -3.57 -22.83 -8.59
C THR A 470 -4.93 -23.23 -8.02
N VAL A 471 -4.98 -24.42 -7.41
CA VAL A 471 -6.24 -24.99 -6.96
C VAL A 471 -6.62 -24.51 -5.55
N ASP A 472 -5.71 -24.69 -4.58
CA ASP A 472 -5.92 -24.25 -3.21
C ASP A 472 -6.37 -22.78 -3.17
N PRO A 473 -7.54 -22.48 -2.60
CA PRO A 473 -8.04 -21.10 -2.65
C PRO A 473 -7.18 -20.09 -1.90
N LEU A 474 -6.53 -20.47 -0.79
CA LEU A 474 -5.72 -19.50 -0.07
C LEU A 474 -4.49 -19.10 -0.87
N GLU A 475 -3.77 -20.09 -1.43
CA GLU A 475 -2.64 -19.79 -2.29
C GLU A 475 -3.08 -18.97 -3.50
N LYS A 476 -4.26 -19.25 -4.05
CA LYS A 476 -4.72 -18.49 -5.21
C LYS A 476 -4.95 -17.03 -4.86
N LYS A 477 -5.48 -16.77 -3.65
CA LYS A 477 -5.71 -15.39 -3.25
C LYS A 477 -4.39 -14.66 -3.04
N LEU A 478 -3.42 -15.32 -2.41
CA LEU A 478 -2.13 -14.66 -2.20
C LEU A 478 -1.43 -14.41 -3.54
N LEU A 479 -1.57 -15.33 -4.48
CA LEU A 479 -1.08 -15.05 -5.83
C LEU A 479 -1.85 -13.91 -6.48
N ASP A 480 -3.13 -13.75 -6.14
CA ASP A 480 -3.87 -12.62 -6.69
C ASP A 480 -3.36 -11.31 -6.12
N TYR A 481 -3.10 -11.26 -4.81
CA TYR A 481 -2.49 -10.07 -4.24
C TYR A 481 -1.18 -9.76 -4.94
N ARG A 482 -0.37 -10.79 -5.17
CA ARG A 482 0.94 -10.60 -5.77
C ARG A 482 0.83 -10.02 -7.17
N GLN A 483 -0.03 -10.60 -8.01
CA GLN A 483 -0.12 -10.04 -9.36
C GLN A 483 -0.72 -8.63 -9.35
N ARG A 484 -1.68 -8.35 -8.44
CA ARG A 484 -2.16 -6.98 -8.31
C ARG A 484 -1.04 -6.04 -7.92
N ALA A 485 -0.10 -6.50 -7.07
CA ALA A 485 0.96 -5.64 -6.59
C ALA A 485 1.89 -5.24 -7.72
N ILE A 486 2.21 -6.19 -8.60
CA ILE A 486 3.06 -5.83 -9.72
C ILE A 486 2.28 -4.96 -10.71
N LYS A 487 0.96 -5.17 -10.81
CA LYS A 487 0.14 -4.30 -11.65
C LYS A 487 0.12 -2.87 -11.11
N ILE A 488 -0.07 -2.72 -9.80
CA ILE A 488 -0.13 -1.36 -9.27
C ILE A 488 1.21 -0.66 -9.44
N LEU A 489 2.31 -1.39 -9.24
CA LEU A 489 3.64 -0.84 -9.44
C LEU A 489 3.84 -0.36 -10.86
N ALA A 490 3.42 -1.19 -11.84
CA ALA A 490 3.56 -0.83 -13.25
C ALA A 490 2.75 0.41 -13.58
N ASN A 491 1.54 0.51 -13.04
CA ASN A 491 0.76 1.70 -13.32
C ASN A 491 1.32 2.90 -12.58
N SER A 492 2.06 2.67 -11.49
CA SER A 492 2.67 3.76 -10.77
C SER A 492 3.83 4.37 -11.52
N PHE A 493 4.39 3.66 -12.51
CA PHE A 493 5.32 4.32 -13.42
C PHE A 493 4.62 5.36 -14.26
N TYR A 494 3.40 5.05 -14.76
CA TYR A 494 2.63 6.10 -15.43
C TYR A 494 2.37 7.26 -14.48
N GLY A 495 1.85 6.97 -13.28
CA GLY A 495 1.49 8.04 -12.36
C GLY A 495 2.70 8.85 -11.92
N TYR A 496 3.86 8.20 -11.85
CA TYR A 496 5.10 8.88 -11.48
C TYR A 496 5.37 10.03 -12.44
N TYR A 497 5.00 9.89 -13.71
CA TYR A 497 5.19 10.95 -14.69
C TYR A 497 4.50 12.25 -14.26
N GLY A 498 3.33 12.14 -13.64
CA GLY A 498 2.58 13.28 -13.14
C GLY A 498 2.72 13.53 -11.65
N TYR A 499 3.68 12.88 -10.99
CA TYR A 499 3.95 13.06 -9.58
C TYR A 499 4.86 14.26 -9.38
N ALA A 500 4.39 15.26 -8.62
CA ALA A 500 5.13 16.52 -8.53
C ALA A 500 6.55 16.34 -8.05
N LYS A 501 6.76 15.47 -7.05
CA LYS A 501 8.07 15.28 -6.45
C LYS A 501 8.95 14.30 -7.22
N ALA A 502 8.53 13.86 -8.40
CA ALA A 502 9.27 12.86 -9.16
C ALA A 502 10.55 13.43 -9.78
N ARG A 503 11.60 12.61 -9.76
CA ARG A 503 12.83 12.95 -10.46
C ARG A 503 12.60 12.99 -11.97
N TRP A 504 12.11 11.88 -12.54
CA TRP A 504 11.82 11.84 -13.98
C TRP A 504 10.39 12.27 -14.27
N TYR A 505 9.94 13.35 -13.63
CA TYR A 505 8.63 13.92 -13.87
C TYR A 505 8.48 14.29 -15.33
N CYS A 506 7.28 14.14 -15.88
CA CYS A 506 7.05 14.60 -17.26
C CYS A 506 5.54 14.65 -17.47
N LYS A 507 4.95 15.82 -17.23
CA LYS A 507 3.50 15.94 -17.38
C LYS A 507 3.08 15.66 -18.82
N GLU A 508 3.91 16.07 -19.79
CA GLU A 508 3.58 15.79 -21.19
C GLU A 508 3.46 14.30 -21.42
N CYS A 509 4.38 13.53 -20.85
CA CYS A 509 4.27 12.08 -20.90
C CYS A 509 2.97 11.62 -20.26
N ALA A 510 2.71 12.08 -19.03
CA ALA A 510 1.53 11.62 -18.32
C ALA A 510 0.26 11.87 -19.12
N GLU A 511 0.09 13.10 -19.62
CA GLU A 511 -1.14 13.44 -20.31
C GLU A 511 -1.20 12.86 -21.72
N SER A 512 -0.04 12.54 -22.30
CA SER A 512 -0.05 11.80 -23.56
C SER A 512 -0.61 10.40 -23.37
N VAL A 513 -0.22 9.74 -22.27
CA VAL A 513 -0.70 8.40 -21.99
C VAL A 513 -2.22 8.40 -21.81
N THR A 514 -2.75 9.32 -20.99
CA THR A 514 -4.20 9.36 -20.81
C THR A 514 -4.91 9.67 -22.11
N ALA A 515 -4.34 10.58 -22.92
CA ALA A 515 -4.96 10.94 -24.18
C ALA A 515 -5.05 9.75 -25.12
N TRP A 516 -3.97 8.97 -25.25
CA TRP A 516 -4.06 7.75 -26.04
C TRP A 516 -5.09 6.81 -25.45
N GLY A 517 -5.17 6.76 -24.12
CA GLY A 517 -6.14 5.87 -23.48
C GLY A 517 -7.57 6.22 -23.84
N ARG A 518 -7.90 7.50 -23.81
CA ARG A 518 -9.25 7.91 -24.20
C ARG A 518 -9.53 7.56 -25.65
N GLU A 519 -8.55 7.75 -26.54
CA GLU A 519 -8.80 7.47 -27.95
C GLU A 519 -9.05 5.98 -28.20
N TYR A 520 -8.36 5.10 -27.48
CA TYR A 520 -8.50 3.68 -27.74
C TYR A 520 -9.85 3.17 -27.27
N ILE A 521 -10.26 3.53 -26.05
CA ILE A 521 -11.53 3.04 -25.54
C ILE A 521 -12.69 3.63 -26.31
N GLU A 522 -12.60 4.91 -26.72
CA GLU A 522 -13.67 5.49 -27.52
C GLU A 522 -13.70 4.86 -28.91
N MET A 523 -12.54 4.46 -29.43
CA MET A 523 -12.54 3.75 -30.71
C MET A 523 -13.18 2.38 -30.56
N VAL A 524 -13.00 1.72 -29.40
CA VAL A 524 -13.61 0.41 -29.19
C VAL A 524 -15.13 0.53 -29.06
N ILE A 525 -15.59 1.48 -28.23
CA ILE A 525 -17.02 1.74 -28.10
C ILE A 525 -17.64 2.00 -29.46
N ARG A 526 -16.96 2.80 -30.27
CA ARG A 526 -17.49 3.18 -31.58
C ARG A 526 -17.55 1.97 -32.51
N GLU A 527 -16.48 1.17 -32.57
CA GLU A 527 -16.51 0.00 -33.44
C GLU A 527 -17.60 -0.97 -33.00
N LEU A 528 -17.76 -1.16 -31.70
CA LEU A 528 -18.74 -2.11 -31.20
C LEU A 528 -20.16 -1.70 -31.56
N GLU A 529 -20.49 -0.42 -31.34
CA GLU A 529 -21.85 0.05 -31.51
C GLU A 529 -22.19 0.39 -32.96
N GLU A 530 -21.22 0.89 -33.74
CA GLU A 530 -21.55 1.25 -35.13
C GLU A 530 -21.40 0.10 -36.11
N LYS A 531 -20.61 -0.91 -35.79
CA LYS A 531 -20.37 -1.97 -36.75
C LYS A 531 -20.82 -3.35 -36.29
N PHE A 532 -20.85 -3.62 -34.98
CA PHE A 532 -21.10 -4.96 -34.50
C PHE A 532 -22.42 -5.11 -33.74
N GLY A 533 -23.25 -4.08 -33.72
CA GLY A 533 -24.58 -4.21 -33.16
C GLY A 533 -24.66 -4.30 -31.65
N PHE A 534 -23.58 -4.00 -30.94
CA PHE A 534 -23.63 -4.01 -29.49
C PHE A 534 -24.22 -2.71 -28.96
N LYS A 535 -24.81 -2.79 -27.77
CA LYS A 535 -25.06 -1.60 -26.99
C LYS A 535 -24.03 -1.57 -25.86
N VAL A 536 -23.26 -0.49 -25.78
CA VAL A 536 -22.34 -0.31 -24.67
C VAL A 536 -23.13 0.26 -23.50
N LEU A 537 -23.14 -0.47 -22.39
CA LEU A 537 -23.95 -0.08 -21.25
C LEU A 537 -23.20 0.81 -20.28
N TYR A 538 -21.88 0.66 -20.22
CA TYR A 538 -21.02 1.39 -19.30
C TYR A 538 -19.59 1.20 -19.78
N ALA A 539 -18.72 2.15 -19.43
CA ALA A 539 -17.33 2.13 -19.85
C ALA A 539 -16.51 2.99 -18.89
N ASP A 540 -15.34 2.52 -18.49
CA ASP A 540 -14.50 3.28 -17.57
C ASP A 540 -13.03 3.11 -17.97
N THR A 541 -12.45 4.16 -18.58
CA THR A 541 -11.03 4.26 -18.96
C THR A 541 -10.54 3.27 -20.00
N ASP A 542 -10.60 1.97 -19.73
CA ASP A 542 -10.07 1.00 -20.67
C ASP A 542 -10.91 -0.27 -20.74
N GLY A 543 -12.10 -0.27 -20.12
CA GLY A 543 -12.96 -1.42 -20.17
C GLY A 543 -14.41 -0.99 -20.34
N LEU A 544 -15.24 -1.97 -20.69
CA LEU A 544 -16.62 -1.65 -21.00
C LEU A 544 -17.50 -2.87 -20.80
N HIS A 545 -18.72 -2.63 -20.35
CA HIS A 545 -19.78 -3.62 -20.34
C HIS A 545 -20.70 -3.36 -21.52
N ALA A 546 -21.03 -4.43 -22.26
CA ALA A 546 -21.87 -4.30 -23.44
C ALA A 546 -22.76 -5.54 -23.58
N THR A 547 -23.85 -5.36 -24.32
CA THR A 547 -24.73 -6.46 -24.66
C THR A 547 -25.22 -6.24 -26.08
N ILE A 548 -25.85 -7.27 -26.64
CA ILE A 548 -26.67 -7.11 -27.83
C ILE A 548 -28.13 -7.15 -27.37
N PRO A 549 -28.85 -6.03 -27.40
CA PRO A 549 -30.25 -6.03 -26.96
C PRO A 549 -31.07 -7.14 -27.60
N GLY A 550 -31.69 -8.00 -26.79
CA GLY A 550 -32.60 -9.02 -27.29
C GLY A 550 -31.97 -10.36 -27.60
N ALA A 551 -30.64 -10.46 -27.51
CA ALA A 551 -29.92 -11.67 -27.90
C ALA A 551 -29.74 -12.60 -26.71
N ASP A 552 -29.61 -13.88 -26.99
CA ASP A 552 -29.42 -14.84 -25.92
C ASP A 552 -27.96 -14.85 -25.48
N ALA A 553 -27.71 -15.53 -24.36
CA ALA A 553 -26.40 -15.47 -23.73
C ALA A 553 -25.31 -15.87 -24.71
N GLU A 554 -25.50 -17.00 -25.39
CA GLU A 554 -24.44 -17.54 -26.22
C GLU A 554 -24.20 -16.69 -27.47
N THR A 555 -25.23 -16.01 -27.98
CA THR A 555 -25.03 -15.10 -29.09
C THR A 555 -24.12 -13.93 -28.70
N VAL A 556 -24.32 -13.36 -27.52
CA VAL A 556 -23.46 -12.25 -27.10
C VAL A 556 -22.03 -12.73 -26.94
N LYS A 557 -21.83 -13.89 -26.30
CA LYS A 557 -20.47 -14.42 -26.12
C LYS A 557 -19.79 -14.64 -27.46
N LYS A 558 -20.51 -15.24 -28.42
CA LYS A 558 -19.93 -15.49 -29.73
C LYS A 558 -19.56 -14.19 -30.44
N LYS A 559 -20.46 -13.21 -30.45
CA LYS A 559 -20.16 -11.96 -31.15
C LYS A 559 -19.03 -11.20 -30.46
N ALA A 560 -18.96 -11.26 -29.13
CA ALA A 560 -17.89 -10.57 -28.41
C ALA A 560 -16.53 -11.14 -28.79
N LYS A 561 -16.42 -12.46 -28.83
CA LYS A 561 -15.15 -13.07 -29.17
C LYS A 561 -14.78 -12.79 -30.63
N GLU A 562 -15.77 -12.82 -31.53
CA GLU A 562 -15.51 -12.43 -32.91
C GLU A 562 -15.00 -11.00 -33.00
N PHE A 563 -15.52 -10.11 -32.16
CA PHE A 563 -15.05 -8.73 -32.19
C PHE A 563 -13.59 -8.65 -31.76
N LEU A 564 -13.24 -9.37 -30.70
CA LEU A 564 -11.84 -9.39 -30.25
C LEU A 564 -10.91 -9.85 -31.36
N LYS A 565 -11.31 -10.85 -32.14
CA LYS A 565 -10.45 -11.31 -33.22
C LYS A 565 -10.44 -10.33 -34.38
N TYR A 566 -11.46 -9.48 -34.46
CA TYR A 566 -11.47 -8.44 -35.49
C TYR A 566 -10.63 -7.24 -35.06
N ILE A 567 -10.66 -6.87 -33.78
CA ILE A 567 -10.06 -5.61 -33.36
C ILE A 567 -8.58 -5.76 -33.03
N ASN A 568 -8.18 -6.85 -32.36
CA ASN A 568 -6.82 -6.90 -31.83
C ASN A 568 -5.74 -6.86 -32.91
N PRO A 569 -5.86 -7.57 -34.02
CA PRO A 569 -4.89 -7.38 -35.11
C PRO A 569 -4.76 -5.93 -35.58
N LYS A 570 -5.75 -5.08 -35.32
CA LYS A 570 -5.69 -3.67 -35.71
C LYS A 570 -5.03 -2.78 -34.66
N LEU A 571 -4.70 -3.33 -33.51
CA LEU A 571 -4.11 -2.51 -32.48
C LEU A 571 -2.59 -2.54 -32.60
N PRO A 572 -1.94 -1.40 -32.35
CA PRO A 572 -0.48 -1.35 -32.43
C PRO A 572 0.16 -2.02 -31.22
N GLY A 573 1.33 -2.61 -31.47
CA GLY A 573 2.21 -3.01 -30.38
C GLY A 573 1.55 -3.91 -29.36
N LEU A 574 1.71 -3.56 -28.09
CA LEU A 574 1.25 -4.39 -26.97
C LEU A 574 -0.22 -4.20 -26.63
N LEU A 575 -0.92 -3.32 -27.34
CA LEU A 575 -2.31 -3.05 -27.03
C LEU A 575 -3.15 -4.29 -27.33
N GLU A 576 -3.86 -4.79 -26.32
CA GLU A 576 -4.74 -5.94 -26.51
C GLU A 576 -6.00 -5.75 -25.67
N LEU A 577 -7.15 -5.95 -26.31
CA LEU A 577 -8.42 -5.95 -25.61
C LEU A 577 -8.73 -7.39 -25.22
N GLU A 578 -9.07 -7.60 -23.95
CA GLU A 578 -9.26 -8.95 -23.40
C GLU A 578 -10.73 -9.19 -23.07
N TYR A 579 -11.19 -10.41 -23.31
CA TYR A 579 -12.49 -10.87 -22.81
C TYR A 579 -12.36 -11.21 -21.33
N GLU A 580 -13.07 -10.47 -20.48
CA GLU A 580 -12.80 -10.48 -19.05
C GLU A 580 -13.90 -11.11 -18.23
N GLY A 581 -15.12 -11.20 -18.75
CA GLY A 581 -16.22 -11.72 -17.96
C GLY A 581 -17.51 -11.68 -18.73
N PHE A 582 -18.44 -12.52 -18.28
CA PHE A 582 -19.80 -12.51 -18.80
C PHE A 582 -20.78 -12.63 -17.63
N TYR A 583 -21.83 -11.82 -17.68
CA TYR A 583 -22.80 -11.74 -16.59
C TYR A 583 -24.20 -11.93 -17.15
N VAL A 584 -24.99 -12.79 -16.51
CA VAL A 584 -26.33 -13.10 -17.02
C VAL A 584 -27.23 -11.90 -16.81
N ARG A 585 -26.96 -11.10 -15.78
CA ARG A 585 -27.79 -9.98 -15.39
C ARG A 585 -26.89 -8.94 -14.73
N GLY A 586 -27.33 -7.69 -14.76
CA GLY A 586 -26.54 -6.64 -14.13
C GLY A 586 -27.26 -5.31 -14.17
N PHE A 587 -26.77 -4.39 -13.34
N PHE A 587 -26.92 -4.44 -13.25
CA PHE A 587 -27.47 -3.16 -12.96
CA PHE A 587 -27.43 -3.10 -13.45
C PHE A 587 -26.45 -2.06 -12.73
C PHE A 587 -26.42 -2.11 -12.90
N PHE A 588 -26.53 -0.92 -13.46
CA PHE A 588 -25.57 0.15 -13.31
C PHE A 588 -26.27 1.33 -12.66
N VAL A 589 -25.81 1.71 -11.48
CA VAL A 589 -26.50 2.75 -10.73
C VAL A 589 -26.05 4.13 -11.20
N THR A 590 -24.76 4.39 -11.15
CA THR A 590 -24.20 5.63 -11.65
C THR A 590 -22.77 5.34 -12.06
N LYS A 591 -22.08 6.34 -12.59
CA LYS A 591 -20.65 6.18 -12.81
C LYS A 591 -19.99 5.62 -11.55
N LYS A 592 -19.08 4.66 -11.75
CA LYS A 592 -18.32 4.04 -10.66
C LYS A 592 -19.13 3.06 -9.82
N LYS A 593 -20.45 2.95 -10.01
CA LYS A 593 -21.27 2.18 -9.06
C LYS A 593 -22.23 1.23 -9.77
N TYR A 594 -21.97 -0.08 -9.69
CA TYR A 594 -22.82 -1.07 -10.35
C TYR A 594 -22.63 -2.44 -9.71
N ALA A 595 -23.42 -3.41 -10.22
CA ALA A 595 -23.40 -4.77 -9.75
C ALA A 595 -23.87 -5.71 -10.85
N VAL A 596 -23.16 -6.82 -11.00
CA VAL A 596 -23.43 -7.83 -11.99
C VAL A 596 -23.38 -9.19 -11.31
N ILE A 597 -23.90 -10.21 -12.01
CA ILE A 597 -23.94 -11.56 -11.50
C ILE A 597 -23.55 -12.53 -12.61
N ASP A 598 -22.64 -13.45 -12.31
CA ASP A 598 -22.17 -14.32 -13.37
C ASP A 598 -23.03 -15.58 -13.45
N GLU A 599 -22.68 -16.45 -14.38
CA GLU A 599 -23.46 -17.66 -14.60
C GLU A 599 -23.37 -18.63 -13.43
N GLU A 600 -22.36 -18.49 -12.57
CA GLU A 600 -22.23 -19.32 -11.37
C GLU A 600 -22.97 -18.71 -10.18
N GLY A 601 -23.62 -17.55 -10.36
CA GLY A 601 -24.40 -16.96 -9.30
C GLY A 601 -23.65 -16.02 -8.41
N LYS A 602 -22.37 -15.73 -8.68
CA LYS A 602 -21.59 -14.81 -7.88
C LYS A 602 -21.86 -13.38 -8.29
N ILE A 603 -22.27 -12.57 -7.34
CA ILE A 603 -22.45 -11.14 -7.56
C ILE A 603 -21.11 -10.42 -7.39
N THR A 604 -20.76 -9.57 -8.35
CA THR A 604 -19.65 -8.66 -8.25
C THR A 604 -20.19 -7.25 -8.11
N THR A 605 -19.71 -6.53 -7.11
CA THR A 605 -20.16 -5.18 -6.80
C THR A 605 -18.97 -4.23 -6.89
N ARG A 606 -19.20 -3.06 -7.46
CA ARG A 606 -18.20 -2.01 -7.59
C ARG A 606 -18.76 -0.71 -7.04
N GLY A 607 -18.02 -0.07 -6.14
CA GLY A 607 -18.27 1.29 -5.75
C GLY A 607 -19.47 1.51 -4.86
N LEU A 608 -20.42 0.58 -4.84
CA LEU A 608 -21.62 0.76 -4.05
C LEU A 608 -21.27 0.69 -2.57
N GLU A 609 -22.20 1.20 -1.75
CA GLU A 609 -21.95 1.26 -0.31
C GLU A 609 -21.57 -0.08 0.27
N ILE A 610 -22.07 -1.19 -0.32
CA ILE A 610 -21.62 -2.54 0.04
C ILE A 610 -20.12 -2.60 0.20
N VAL A 611 -19.42 -1.83 -0.62
CA VAL A 611 -17.98 -2.01 -0.81
C VAL A 611 -17.15 -1.09 0.10
N ARG A 612 -17.77 -0.09 0.71
CA ARG A 612 -17.09 1.01 1.36
C ARG A 612 -16.95 0.76 2.86
N ARG A 613 -15.78 1.13 3.41
CA ARG A 613 -15.59 0.98 4.85
C ARG A 613 -16.36 2.01 5.66
N ASP A 614 -16.79 3.12 5.04
CA ASP A 614 -17.35 4.23 5.82
C ASP A 614 -18.88 4.25 5.88
N TRP A 615 -19.55 3.19 5.45
CA TRP A 615 -20.99 3.08 5.66
C TRP A 615 -21.25 2.04 6.73
N SER A 616 -22.35 2.22 7.47
CA SER A 616 -22.69 1.27 8.52
C SER A 616 -23.03 -0.10 7.92
N GLU A 617 -22.81 -1.14 8.72
CA GLU A 617 -23.06 -2.50 8.26
C GLU A 617 -24.53 -2.75 7.98
N ILE A 618 -25.44 -2.10 8.71
CA ILE A 618 -26.85 -2.33 8.45
C ILE A 618 -27.22 -1.79 7.08
N ALA A 619 -26.61 -0.67 6.68
CA ALA A 619 -26.80 -0.18 5.32
C ALA A 619 -26.19 -1.12 4.30
N LYS A 620 -24.98 -1.62 4.56
CA LYS A 620 -24.32 -2.47 3.57
C LYS A 620 -24.97 -3.85 3.48
N GLU A 621 -25.31 -4.43 4.63
CA GLU A 621 -26.03 -5.71 4.63
C GLU A 621 -27.33 -5.60 3.85
N THR A 622 -28.12 -4.56 4.14
CA THR A 622 -29.40 -4.44 3.48
C THR A 622 -29.22 -4.26 1.99
N GLN A 623 -28.25 -3.43 1.58
CA GLN A 623 -28.01 -3.27 0.16
C GLN A 623 -27.63 -4.60 -0.47
N ALA A 624 -26.77 -5.37 0.19
CA ALA A 624 -26.36 -6.67 -0.33
C ALA A 624 -27.57 -7.56 -0.57
N ARG A 625 -28.47 -7.61 0.41
CA ARG A 625 -29.62 -8.50 0.31
C ARG A 625 -30.56 -8.03 -0.78
N VAL A 626 -30.74 -6.71 -0.92
CA VAL A 626 -31.53 -6.17 -2.01
C VAL A 626 -30.91 -6.59 -3.35
N LEU A 627 -29.58 -6.51 -3.45
CA LEU A 627 -28.95 -6.86 -4.72
C LEU A 627 -29.13 -8.34 -5.02
N GLU A 628 -28.99 -9.19 -4.00
CA GLU A 628 -29.16 -10.61 -4.23
C GLU A 628 -30.58 -10.91 -4.71
N ALA A 629 -31.58 -10.33 -4.05
CA ALA A 629 -32.97 -10.55 -4.47
C ALA A 629 -33.18 -10.14 -5.92
N ILE A 630 -32.64 -8.99 -6.33
CA ILE A 630 -32.83 -8.52 -7.69
C ILE A 630 -32.01 -9.35 -8.67
N LEU A 631 -30.72 -9.55 -8.37
CA LEU A 631 -29.85 -10.13 -9.39
C LEU A 631 -29.94 -11.65 -9.43
N LYS A 632 -30.08 -12.31 -8.29
CA LYS A 632 -30.12 -13.76 -8.29
C LYS A 632 -31.53 -14.34 -8.34
N HIS A 633 -32.52 -13.66 -7.76
CA HIS A 633 -33.89 -14.16 -7.75
C HIS A 633 -34.82 -13.39 -8.69
N GLY A 634 -34.33 -12.36 -9.37
CA GLY A 634 -35.18 -11.50 -10.19
C GLY A 634 -36.32 -10.84 -9.45
N ASP A 635 -36.38 -11.02 -8.14
CA ASP A 635 -37.56 -10.73 -7.32
C ASP A 635 -37.39 -9.35 -6.67
N VAL A 636 -38.08 -8.35 -7.20
CA VAL A 636 -37.89 -7.00 -6.66
C VAL A 636 -38.76 -6.75 -5.43
N GLU A 637 -39.95 -7.37 -5.34
CA GLU A 637 -40.77 -7.14 -4.16
C GLU A 637 -40.15 -7.76 -2.92
N GLU A 638 -39.39 -8.84 -3.09
CA GLU A 638 -38.61 -9.37 -1.98
C GLU A 638 -37.63 -8.30 -1.48
N ALA A 639 -36.92 -7.66 -2.41
CA ALA A 639 -36.03 -6.56 -2.04
C ALA A 639 -36.76 -5.54 -1.18
N VAL A 640 -37.94 -5.13 -1.62
CA VAL A 640 -38.71 -4.10 -0.92
C VAL A 640 -39.11 -4.58 0.46
N ARG A 641 -39.63 -5.81 0.53
CA ARG A 641 -39.93 -6.45 1.82
C ARG A 641 -38.70 -6.49 2.73
N ILE A 642 -37.55 -6.81 2.17
CA ILE A 642 -36.30 -6.80 2.95
C ILE A 642 -36.07 -5.43 3.56
N VAL A 643 -36.11 -4.38 2.74
CA VAL A 643 -35.85 -3.02 3.23
C VAL A 643 -36.87 -2.65 4.30
N LYS A 644 -38.16 -2.90 4.02
CA LYS A 644 -39.21 -2.56 4.96
C LYS A 644 -39.03 -3.29 6.29
N GLU A 645 -38.49 -4.52 6.24
CA GLU A 645 -38.22 -5.26 7.46
C GLU A 645 -37.09 -4.61 8.25
N VAL A 646 -36.00 -4.23 7.57
CA VAL A 646 -34.85 -3.63 8.24
C VAL A 646 -35.23 -2.28 8.84
N THR A 647 -36.03 -1.47 8.13
CA THR A 647 -36.40 -0.19 8.71
C THR A 647 -37.32 -0.36 9.90
N GLU A 648 -38.16 -1.41 9.88
CA GLU A 648 -38.96 -1.71 11.07
C GLU A 648 -38.08 -2.10 12.25
N LYS A 649 -37.02 -2.86 12.00
CA LYS A 649 -36.14 -3.27 13.10
C LYS A 649 -35.36 -2.07 13.66
N LEU A 650 -34.89 -1.17 12.80
CA LEU A 650 -34.22 0.03 13.30
C LEU A 650 -35.15 0.84 14.20
N SER A 651 -36.39 1.06 13.74
CA SER A 651 -37.36 1.82 14.54
C SER A 651 -37.46 1.27 15.95
N LYS A 652 -37.62 -0.04 16.07
CA LYS A 652 -37.88 -0.69 17.35
C LYS A 652 -36.61 -0.97 18.15
N TYR A 653 -35.47 -0.41 17.73
CA TYR A 653 -34.21 -0.59 18.44
C TYR A 653 -33.82 -2.05 18.54
N GLU A 654 -34.23 -2.83 17.55
CA GLU A 654 -33.97 -4.27 17.51
C GLU A 654 -32.73 -4.62 16.69
N VAL A 655 -32.03 -3.61 16.16
CA VAL A 655 -30.77 -3.80 15.44
C VAL A 655 -29.62 -3.68 16.43
N PRO A 656 -28.66 -4.61 16.43
CA PRO A 656 -27.59 -4.58 17.44
C PRO A 656 -26.56 -3.52 17.10
N PRO A 657 -25.98 -2.88 18.12
CA PRO A 657 -25.10 -1.72 17.87
C PRO A 657 -24.00 -1.99 16.85
N GLU A 658 -23.45 -3.20 16.84
CA GLU A 658 -22.35 -3.51 15.92
C GLU A 658 -22.68 -3.08 14.50
N LYS A 659 -23.90 -3.35 14.05
CA LYS A 659 -24.26 -3.01 12.67
C LYS A 659 -24.46 -1.51 12.47
N LEU A 660 -24.41 -0.72 13.54
CA LEU A 660 -24.58 0.72 13.46
C LEU A 660 -23.26 1.49 13.38
N VAL A 661 -22.14 0.82 13.55
CA VAL A 661 -20.87 1.55 13.66
C VAL A 661 -20.43 2.05 12.29
N ILE A 662 -19.99 3.29 12.26
CA ILE A 662 -19.40 3.91 11.08
C ILE A 662 -17.89 4.04 11.30
N HIS A 663 -17.11 3.69 10.28
CA HIS A 663 -15.65 3.66 10.35
C HIS A 663 -15.09 4.66 9.34
N GLU A 664 -14.26 5.59 9.82
CA GLU A 664 -13.66 6.60 8.95
C GLU A 664 -12.26 6.93 9.43
N GLN A 665 -11.34 6.98 8.49
CA GLN A 665 -9.96 7.25 8.82
C GLN A 665 -9.76 8.73 9.09
N ILE A 666 -8.99 9.02 10.12
CA ILE A 666 -8.38 10.34 10.28
C ILE A 666 -7.14 10.35 9.40
N THR A 667 -7.04 11.33 8.50
CA THR A 667 -5.99 11.30 7.49
C THR A 667 -4.90 12.33 7.71
N ARG A 668 -4.99 13.14 8.75
CA ARG A 668 -4.08 14.27 8.91
C ARG A 668 -4.12 14.66 10.37
N ASP A 669 -3.20 15.54 10.76
CA ASP A 669 -3.24 16.08 12.11
C ASP A 669 -4.60 16.75 12.35
N LEU A 670 -5.12 16.61 13.57
CA LEU A 670 -6.44 17.14 13.85
C LEU A 670 -6.51 18.65 13.62
N ARG A 671 -5.38 19.35 13.79
CA ARG A 671 -5.41 20.81 13.80
C ARG A 671 -5.60 21.42 12.42
N ASP A 672 -5.35 20.69 11.32
CA ASP A 672 -5.55 21.27 10.00
C ASP A 672 -6.71 20.63 9.25
N TYR A 673 -7.80 20.34 9.97
CA TYR A 673 -9.08 20.08 9.34
C TYR A 673 -9.77 21.43 9.11
N LYS A 674 -9.96 21.79 7.84
CA LYS A 674 -10.75 22.99 7.55
C LYS A 674 -12.21 22.78 7.92
N ALA A 675 -12.72 21.57 7.80
CA ALA A 675 -14.10 21.27 8.16
C ALA A 675 -14.13 20.09 9.10
N THR A 676 -15.05 20.11 10.06
CA THR A 676 -15.14 19.09 11.10
C THR A 676 -16.45 18.31 10.98
N GLY A 677 -16.40 17.16 10.29
CA GLY A 677 -17.51 16.23 10.30
C GLY A 677 -17.50 15.31 11.52
N PRO A 678 -18.47 14.39 11.55
CA PRO A 678 -18.63 13.52 12.73
C PRO A 678 -17.36 12.81 13.19
N HIS A 679 -16.64 12.16 12.28
CA HIS A 679 -15.48 11.41 12.76
C HIS A 679 -14.42 12.36 13.31
N VAL A 680 -14.30 13.55 12.74
CA VAL A 680 -13.35 14.53 13.28
C VAL A 680 -13.83 15.03 14.64
N ALA A 681 -15.12 15.30 14.77
CA ALA A 681 -15.65 15.76 16.05
C ALA A 681 -15.36 14.73 17.13
N VAL A 682 -15.65 13.46 16.86
CA VAL A 682 -15.34 12.40 17.82
C VAL A 682 -13.85 12.36 18.11
N ALA A 683 -13.04 12.34 17.05
CA ALA A 683 -11.59 12.33 17.23
C ALA A 683 -11.15 13.46 18.15
N LYS A 684 -11.56 14.69 17.84
CA LYS A 684 -11.09 15.82 18.65
C LYS A 684 -11.46 15.63 20.12
N ARG A 685 -12.67 15.12 20.39
CA ARG A 685 -13.09 14.95 21.78
C ARG A 685 -12.29 13.85 22.48
N LEU A 686 -11.95 12.77 21.76
CA LEU A 686 -11.02 11.79 22.31
C LEU A 686 -9.65 12.42 22.53
N ALA A 687 -9.15 13.15 21.53
CA ALA A 687 -7.89 13.84 21.67
C ALA A 687 -7.84 14.64 22.96
N ALA A 688 -8.88 15.45 23.20
CA ALA A 688 -8.94 16.23 24.43
C ALA A 688 -8.89 15.33 25.67
N ARG A 689 -9.35 14.08 25.55
CA ARG A 689 -9.23 13.09 26.62
C ARG A 689 -7.87 12.38 26.60
N GLY A 690 -6.84 13.04 26.08
CA GLY A 690 -5.52 12.42 25.97
C GLY A 690 -5.54 11.05 25.34
N VAL A 691 -5.95 10.97 24.08
CA VAL A 691 -5.81 9.77 23.26
C VAL A 691 -5.02 10.16 22.03
N LYS A 692 -4.01 9.36 21.68
CA LYS A 692 -3.18 9.71 20.54
C LYS A 692 -3.95 9.41 19.26
N ILE A 693 -4.26 10.47 18.52
CA ILE A 693 -4.90 10.35 17.22
C ILE A 693 -3.90 10.84 16.20
N ARG A 694 -3.62 10.01 15.22
CA ARG A 694 -2.65 10.40 14.20
C ARG A 694 -3.17 9.92 12.86
N PRO A 695 -2.56 10.36 11.76
CA PRO A 695 -3.02 9.90 10.44
C PRO A 695 -2.99 8.38 10.37
N GLY A 696 -4.13 7.80 10.04
CA GLY A 696 -4.29 6.37 9.97
C GLY A 696 -5.15 5.80 11.08
N THR A 697 -5.33 6.54 12.17
CA THR A 697 -6.35 6.18 13.12
C THR A 697 -7.70 6.03 12.43
N VAL A 698 -8.37 4.93 12.69
CA VAL A 698 -9.71 4.66 12.21
C VAL A 698 -10.68 4.97 13.34
N ILE A 699 -11.55 5.95 13.13
CA ILE A 699 -12.55 6.32 14.12
C ILE A 699 -13.77 5.44 13.92
N SER A 700 -14.29 4.90 15.01
CA SER A 700 -15.49 4.07 14.99
C SER A 700 -16.54 4.74 15.86
N TYR A 701 -17.67 5.12 15.27
CA TYR A 701 -18.66 5.84 16.04
C TYR A 701 -20.07 5.40 15.71
N ILE A 702 -20.97 5.76 16.61
CA ILE A 702 -22.40 5.50 16.50
C ILE A 702 -23.12 6.82 16.72
N VAL A 703 -24.19 7.05 15.96
CA VAL A 703 -24.95 8.30 16.06
C VAL A 703 -26.12 8.10 17.03
N LEU A 704 -26.12 8.89 18.10
CA LEU A 704 -27.17 8.81 19.11
C LEU A 704 -28.39 9.63 18.74
N LYS A 705 -29.52 9.32 19.36
CA LYS A 705 -30.75 10.05 19.11
C LYS A 705 -30.61 11.50 19.54
N GLY A 706 -31.10 12.41 18.70
CA GLY A 706 -30.96 13.82 18.93
C GLY A 706 -31.24 14.57 17.65
N SER A 707 -30.98 15.87 17.67
CA SER A 707 -31.19 16.68 16.48
C SER A 707 -30.05 17.68 16.33
N GLY A 708 -29.83 18.09 15.07
CA GLY A 708 -28.80 19.06 14.79
C GLY A 708 -27.59 18.43 14.14
N ARG A 709 -26.40 18.95 14.42
CA ARG A 709 -25.19 18.42 13.81
C ARG A 709 -25.00 16.96 14.19
N ILE A 710 -24.71 16.13 13.19
CA ILE A 710 -24.43 14.73 13.47
C ILE A 710 -23.25 14.62 14.43
N GLY A 711 -22.23 15.45 14.21
CA GLY A 711 -21.05 15.41 15.07
C GLY A 711 -21.35 15.66 16.52
N ASP A 712 -22.46 16.32 16.83
CA ASP A 712 -22.78 16.59 18.23
C ASP A 712 -23.41 15.38 18.94
N ARG A 713 -23.86 14.36 18.20
CA ARG A 713 -24.46 13.14 18.76
C ARG A 713 -23.64 11.89 18.50
N ALA A 714 -22.52 12.02 17.80
CA ALA A 714 -21.67 10.87 17.53
C ALA A 714 -20.81 10.58 18.73
N ILE A 715 -20.77 9.32 19.15
CA ILE A 715 -19.90 8.90 20.25
C ILE A 715 -19.04 7.74 19.78
N PRO A 716 -17.90 7.53 20.42
CA PRO A 716 -17.08 6.33 20.10
C PRO A 716 -17.89 5.06 20.26
N ALA A 717 -17.72 4.15 19.30
CA ALA A 717 -18.55 2.94 19.29
C ALA A 717 -18.42 2.17 20.59
N ASP A 718 -17.24 2.16 21.19
CA ASP A 718 -17.06 1.35 22.40
C ASP A 718 -17.76 1.94 23.63
N GLU A 719 -18.22 3.19 23.56
CA GLU A 719 -18.90 3.83 24.67
C GLU A 719 -20.43 3.73 24.57
N PHE A 720 -20.97 3.17 23.49
CA PHE A 720 -22.43 3.07 23.36
C PHE A 720 -22.96 2.03 24.33
N ASP A 721 -23.70 2.47 25.34
CA ASP A 721 -24.37 1.59 26.29
C ASP A 721 -25.83 1.49 25.91
N PRO A 722 -26.29 0.35 25.37
CA PRO A 722 -27.67 0.30 24.82
C PRO A 722 -28.74 0.55 25.86
N THR A 723 -28.42 0.50 27.15
CA THR A 723 -29.35 0.82 28.23
C THR A 723 -29.38 2.31 28.56
N LYS A 724 -28.23 2.97 28.54
CA LYS A 724 -28.14 4.38 28.91
C LYS A 724 -28.37 5.31 27.72
N HIS A 725 -27.89 4.95 26.54
CA HIS A 725 -28.18 5.67 25.31
C HIS A 725 -29.03 4.81 24.40
N ARG A 726 -29.75 5.47 23.50
CA ARG A 726 -30.45 4.80 22.42
C ARG A 726 -29.94 5.36 21.10
N TYR A 727 -29.70 4.49 20.13
CA TYR A 727 -29.20 4.97 18.85
C TYR A 727 -30.30 5.74 18.08
N ASP A 728 -29.85 6.51 17.11
CA ASP A 728 -30.74 7.40 16.33
C ASP A 728 -31.34 6.60 15.18
N ALA A 729 -32.50 5.98 15.44
CA ALA A 729 -33.10 5.14 14.42
C ALA A 729 -33.40 5.94 13.16
N GLU A 730 -34.02 7.12 13.32
CA GLU A 730 -34.33 7.93 12.14
C GLU A 730 -33.08 8.17 11.29
N TYR A 731 -31.95 8.50 11.94
CA TYR A 731 -30.71 8.71 11.19
C TYR A 731 -30.29 7.46 10.42
N TYR A 732 -30.34 6.30 11.07
CA TYR A 732 -29.88 5.12 10.35
C TYR A 732 -30.87 4.74 9.25
N ILE A 733 -32.14 5.09 9.41
CA ILE A 733 -33.10 4.89 8.33
C ILE A 733 -32.84 5.87 7.19
N GLU A 734 -32.94 7.17 7.48
CA GLU A 734 -32.99 8.16 6.41
C GLU A 734 -31.61 8.57 5.90
N ASN A 735 -30.55 8.38 6.67
CA ASN A 735 -29.22 8.75 6.23
C ASN A 735 -28.34 7.56 5.87
N GLN A 736 -28.68 6.35 6.30
CA GLN A 736 -27.86 5.18 5.99
C GLN A 736 -28.59 4.22 5.06
N VAL A 737 -29.66 3.58 5.54
CA VAL A 737 -30.26 2.47 4.80
C VAL A 737 -30.97 2.97 3.54
N LEU A 738 -31.91 3.89 3.70
CA LEU A 738 -32.74 4.28 2.57
C LEU A 738 -31.96 4.92 1.42
N PRO A 739 -30.98 5.80 1.67
CA PRO A 739 -30.21 6.31 0.52
C PRO A 739 -29.48 5.20 -0.22
N ALA A 740 -28.96 4.20 0.50
CA ALA A 740 -28.20 3.14 -0.14
C ALA A 740 -29.11 2.26 -1.02
N VAL A 741 -30.32 1.96 -0.55
CA VAL A 741 -31.20 1.06 -1.31
C VAL A 741 -32.11 1.82 -2.28
N GLU A 742 -32.46 3.07 -1.98
CA GLU A 742 -33.29 3.83 -2.91
C GLU A 742 -32.57 4.09 -4.23
N ARG A 743 -31.26 4.27 -4.20
CA ARG A 743 -30.57 4.49 -5.47
C ARG A 743 -30.68 3.28 -6.37
N ILE A 744 -30.92 2.10 -5.81
CA ILE A 744 -31.17 0.91 -6.62
C ILE A 744 -32.65 0.80 -6.98
N LEU A 745 -33.53 0.93 -5.98
CA LEU A 745 -34.92 0.55 -6.17
C LEU A 745 -35.72 1.59 -6.95
N LYS A 746 -35.22 2.84 -7.04
CA LYS A 746 -35.92 3.84 -7.85
C LYS A 746 -36.02 3.38 -9.30
N ALA A 747 -35.02 2.67 -9.79
CA ALA A 747 -35.07 2.12 -11.14
C ALA A 747 -36.34 1.32 -11.37
N PHE A 748 -36.88 0.71 -10.32
CA PHE A 748 -38.07 -0.13 -10.41
C PHE A 748 -39.33 0.60 -9.98
N GLY A 749 -39.30 1.93 -9.94
CA GLY A 749 -40.48 2.70 -9.61
C GLY A 749 -40.76 2.85 -8.13
N TYR A 750 -39.82 2.45 -7.26
CA TYR A 750 -40.05 2.52 -5.83
C TYR A 750 -39.50 3.83 -5.28
N ARG A 751 -40.31 4.49 -4.48
CA ARG A 751 -39.91 5.70 -3.78
C ARG A 751 -39.59 5.38 -2.33
N LYS A 752 -38.92 6.32 -1.64
CA LYS A 752 -38.59 6.07 -0.23
C LYS A 752 -39.83 5.71 0.59
N GLU A 753 -40.95 6.43 0.37
CA GLU A 753 -42.17 6.14 1.11
C GLU A 753 -42.59 4.69 0.98
N ASP A 754 -42.25 4.05 -0.14
CA ASP A 754 -42.55 2.64 -0.33
C ASP A 754 -41.69 1.73 0.54
N LEU A 755 -40.68 2.28 1.20
CA LEU A 755 -39.65 1.48 1.85
C LEU A 755 -39.60 1.63 3.36
N ARG A 756 -40.27 2.64 3.92
CA ARG A 756 -40.20 2.94 5.34
C ARG A 756 -41.19 2.10 6.13
N TYR A 757 -41.10 2.22 7.45
CA TYR A 757 -42.01 1.52 8.35
C TYR A 757 -43.15 2.44 8.79
N GLN A 758 -44.29 1.83 9.08
CA GLN A 758 -45.48 2.50 9.59
C GLN A 758 -45.32 2.92 11.05
MN MN D . -7.18 -2.98 -18.07
C1 GOL E . -16.26 -5.83 -14.20
O1 GOL E . -17.60 -6.26 -14.07
C2 GOL E . -15.56 -6.07 -12.82
O2 GOL E . -14.72 -7.23 -12.83
C3 GOL E . -14.85 -4.73 -12.47
O3 GOL E . -13.74 -4.54 -13.33
MG MG F . -10.42 -1.64 -16.70
C1 PGE G . -2.06 1.58 13.42
O1 PGE G . -2.47 2.94 13.29
C2 PGE G . -3.25 0.75 13.84
O2 PGE G . -2.93 -0.63 13.77
C3 PGE G . -3.59 -1.42 14.76
C4 PGE G . -5.05 -1.60 14.39
O3 PGE G . -5.87 -1.28 15.49
O2 PGE H . 21.31 19.79 -18.87
C3 PGE H . 21.12 19.99 -17.49
C4 PGE H . 20.22 21.19 -17.31
O4 PGE H . 19.12 24.48 -14.17
C6 PGE H . 19.79 23.28 -14.53
C5 PGE H . 19.96 23.19 -16.04
O3 PGE H . 20.77 22.06 -16.34
PG DTP I . -5.35 -5.20 -16.27
O1G DTP I . -4.38 -6.02 -17.08
O2G DTP I . -5.81 -5.87 -14.96
O3G DTP I . -6.62 -4.82 -17.03
PB DTP I . -4.59 -2.43 -16.28
O1B DTP I . -3.20 -1.85 -16.07
O2B DTP I . -5.14 -2.28 -17.66
O3B DTP I . -4.53 -3.93 -15.79
PA DTP I . -7.09 -1.42 -15.08
O1A DTP I . -7.50 -1.72 -13.65
O2A DTP I . -7.94 -2.10 -16.12
O3A DTP I . -5.56 -1.82 -15.18
O5' DTP I . -7.09 0.17 -15.23
C5' DTP I . -6.92 0.82 -16.50
C4' DTP I . -5.81 1.86 -16.42
O4' DTP I . -6.13 2.84 -15.40
C3' DTP I . -4.43 1.34 -16.06
O3' DTP I . -3.75 0.89 -17.23
C2' DTP I . -3.78 2.61 -15.52
C1' DTP I . -4.92 3.31 -14.81
N9 DTP I . -4.95 3.01 -13.39
C8 DTP I . -5.66 2.03 -12.75
N7 DTP I . -5.32 1.84 -11.51
C5 DTP I . -4.30 2.77 -11.30
C6 DTP I . -3.48 3.04 -10.19
N6 DTP I . -3.58 2.43 -9.01
N1 DTP I . -2.54 3.99 -10.34
C2 DTP I . -2.45 4.64 -11.50
N3 DTP I . -3.17 4.47 -12.61
C4 DTP I . -4.08 3.51 -12.44
H5'1 DTP I . -7.85 1.28 -16.83
H5'2 DTP I . -6.69 0.02 -17.20
H4' DTP I . -5.78 2.43 -17.35
H3' DTP I . -4.49 0.57 -15.31
HO3' DTP I . -3.32 0.04 -16.97
H2'1 DTP I . -3.38 3.23 -16.32
H2'2 DTP I . -2.90 2.43 -14.89
H1' DTP I . -4.93 4.39 -14.96
H8 DTP I . -6.45 1.46 -13.24
HN61 DTP I . -2.96 2.66 -8.24
HN62 DTP I . -4.29 1.71 -8.89
H2 DTP I . -1.68 5.40 -11.54
MG MG J . -27.57 37.96 3.57
#